data_7D8O
#
_entry.id   7D8O
#
_cell.length_a   86.630
_cell.length_b   86.643
_cell.length_c   123.568
_cell.angle_alpha   90.000
_cell.angle_beta   91.660
_cell.angle_gamma   90.000
#
_symmetry.space_group_name_H-M   'P 1 21 1'
#
loop_
_entity.id
_entity.type
_entity.pdbx_description
1 polymer 'Type III toxin-antitoxin system ToxN/AbiQ family toxin'
2 polymer 'Antitoxin RNA'
3 water water
#
loop_
_entity_poly.entity_id
_entity_poly.type
_entity_poly.pdbx_seq_one_letter_code
_entity_poly.pdbx_strand_id
1 'polypeptide(L)'
;MNHKVHHHHHHMAKFFTISSSYIKYLKDFDDKVPNSEDPTYNNPKAFIGIVLEIEGHKYLAPLTSPKAWHANVKESSPAF
FKLHENGVPDNQLGLINLKFMIPIIEAEVSLLDLDSMPDTPYKRMLYKQLQFIRVNEDKISEKSKLLRNLALQGRMQGTC
DFAVLEEKYQHFGKKPEDMEIDDLESR
;
A,C,E,G,I,K
2 'polyribonucleotide' AUUUAGGUGAUUUGCUACCUUUAAGUGCAGCUAGAAA B,D,F,H,J,L
#
# COMPACT_ATOMS: atom_id res chain seq x y z
N MET A 12 -14.29 -3.88 23.47
CA MET A 12 -14.81 -2.52 23.55
C MET A 12 -16.34 -2.50 23.68
N ALA A 13 -16.87 -1.36 24.11
CA ALA A 13 -18.32 -1.12 24.23
C ALA A 13 -18.98 -2.12 25.17
N LYS A 14 -18.61 -2.02 26.45
CA LYS A 14 -19.24 -2.78 27.53
C LYS A 14 -19.60 -1.85 28.68
N PHE A 15 -20.73 -2.13 29.33
CA PHE A 15 -21.19 -1.35 30.47
C PHE A 15 -20.66 -1.93 31.78
N PHE A 16 -20.19 -1.04 32.65
CA PHE A 16 -19.62 -1.38 33.94
C PHE A 16 -20.22 -0.51 35.04
N THR A 17 -20.16 -1.03 36.27
CA THR A 17 -20.28 -0.25 37.49
C THR A 17 -18.94 -0.29 38.22
N ILE A 18 -18.71 0.72 39.07
CA ILE A 18 -17.45 0.88 39.78
C ILE A 18 -17.72 0.99 41.27
N SER A 19 -16.90 0.32 42.08
CA SER A 19 -17.08 0.30 43.52
C SER A 19 -17.04 1.71 44.09
N SER A 20 -17.89 1.95 45.09
CA SER A 20 -17.96 3.28 45.72
C SER A 20 -16.67 3.64 46.44
N SER A 21 -15.98 2.67 47.03
CA SER A 21 -14.75 2.98 47.76
C SER A 21 -13.64 3.43 46.80
N TYR A 22 -13.53 2.78 45.64
CA TYR A 22 -12.57 3.22 44.64
C TYR A 22 -12.88 4.64 44.17
N ILE A 23 -14.17 4.93 43.96
CA ILE A 23 -14.57 6.28 43.56
C ILE A 23 -14.17 7.32 44.61
N LYS A 24 -14.43 7.03 45.88
CA LYS A 24 -14.05 7.98 46.93
C LYS A 24 -12.52 8.13 47.00
N TYR A 25 -11.80 7.02 46.84
CA TYR A 25 -10.34 7.06 46.83
C TYR A 25 -9.83 8.01 45.75
N LEU A 26 -10.32 7.85 44.52
CA LEU A 26 -9.88 8.73 43.44
C LEU A 26 -10.35 10.16 43.67
N LYS A 27 -11.56 10.34 44.21
CA LYS A 27 -12.08 11.68 44.47
C LYS A 27 -11.20 12.45 45.44
N ASP A 28 -10.54 11.74 46.36
CA ASP A 28 -9.63 12.42 47.28
C ASP A 28 -8.49 13.11 46.54
N PHE A 29 -8.11 12.59 45.37
CA PHE A 29 -7.05 13.19 44.58
C PHE A 29 -7.57 14.09 43.46
N ASP A 30 -8.83 13.95 43.09
CA ASP A 30 -9.39 14.75 41.99
C ASP A 30 -10.90 14.82 42.20
N ASP A 31 -11.40 15.98 42.62
CA ASP A 31 -12.82 16.10 42.92
C ASP A 31 -13.71 16.07 41.68
N LYS A 32 -13.14 16.04 40.49
CA LYS A 32 -13.93 15.94 39.27
C LYS A 32 -14.23 14.50 38.89
N VAL A 33 -13.66 13.52 39.60
CA VAL A 33 -14.02 12.12 39.43
C VAL A 33 -15.54 12.01 39.57
N PRO A 34 -16.23 11.29 38.68
CA PRO A 34 -17.70 11.34 38.68
C PRO A 34 -18.29 10.92 40.02
N ASN A 35 -19.38 11.60 40.40
CA ASN A 35 -20.17 11.12 41.53
C ASN A 35 -20.73 9.75 41.19
N SER A 36 -20.60 8.79 42.10
CA SER A 36 -21.10 7.47 41.79
C SER A 36 -22.33 7.09 42.60
N GLU A 37 -22.61 7.76 43.74
CA GLU A 37 -23.80 7.33 44.45
C GLU A 37 -24.65 8.49 44.90
N ASP A 38 -25.96 8.26 44.85
CA ASP A 38 -26.95 9.27 45.11
C ASP A 38 -28.33 8.65 45.23
N PRO A 39 -29.10 9.03 46.26
CA PRO A 39 -30.47 8.52 46.37
C PRO A 39 -31.35 8.88 45.18
N THR A 40 -30.99 9.91 44.40
CA THR A 40 -31.78 10.26 43.23
C THR A 40 -31.63 9.26 42.10
N TYR A 41 -30.60 8.44 42.16
CA TYR A 41 -30.31 7.49 41.09
C TYR A 41 -31.36 6.39 41.04
N ASN A 42 -31.97 6.22 39.86
CA ASN A 42 -32.87 5.09 39.68
C ASN A 42 -32.06 3.82 39.47
N ASN A 43 -30.95 3.94 38.78
CA ASN A 43 -29.99 2.88 38.54
C ASN A 43 -28.62 3.38 38.94
N PRO A 44 -27.66 2.49 39.14
CA PRO A 44 -26.28 2.93 39.40
C PRO A 44 -25.70 3.71 38.23
N LYS A 45 -24.68 4.51 38.53
CA LYS A 45 -23.95 5.22 37.48
C LYS A 45 -23.26 4.21 36.57
N ALA A 46 -23.66 4.20 35.30
CA ALA A 46 -23.07 3.30 34.33
C ALA A 46 -21.88 3.95 33.64
N PHE A 47 -20.85 3.15 33.40
CA PHE A 47 -19.66 3.54 32.65
C PHE A 47 -19.55 2.66 31.42
N ILE A 48 -18.92 3.18 30.38
CA ILE A 48 -18.64 2.41 29.17
C ILE A 48 -17.12 2.23 29.08
N GLY A 49 -16.70 1.05 28.64
CA GLY A 49 -15.29 0.78 28.53
C GLY A 49 -15.05 -0.48 27.75
N ILE A 50 -13.77 -0.77 27.51
CA ILE A 50 -12.67 0.12 27.86
C ILE A 50 -12.47 1.12 26.73
N VAL A 51 -12.55 2.41 27.02
CA VAL A 51 -12.45 3.40 25.94
C VAL A 51 -11.00 3.69 25.58
N LEU A 52 -10.06 3.44 26.49
CA LEU A 52 -8.66 3.73 26.22
C LEU A 52 -7.77 2.83 27.05
N GLU A 53 -6.73 2.30 26.43
CA GLU A 53 -5.69 1.56 27.14
C GLU A 53 -4.34 2.16 26.73
N ILE A 54 -3.68 2.81 27.69
CA ILE A 54 -2.43 3.51 27.39
C ILE A 54 -1.51 3.38 28.60
N GLU A 55 -0.26 2.99 28.34
CA GLU A 55 0.76 2.86 29.37
C GLU A 55 0.29 1.96 30.51
N GLY A 56 -0.42 0.89 30.14
CA GLY A 56 -0.95 -0.06 31.09
C GLY A 56 -2.21 0.35 31.82
N HIS A 57 -2.70 1.57 31.60
CA HIS A 57 -3.90 2.07 32.27
C HIS A 57 -5.11 1.84 31.37
N LYS A 58 -6.16 1.27 31.96
CA LYS A 58 -7.43 1.04 31.30
C LYS A 58 -8.46 2.04 31.81
N TYR A 59 -9.19 2.68 30.90
CA TYR A 59 -10.08 3.77 31.24
C TYR A 59 -11.54 3.38 31.02
N LEU A 60 -12.39 3.82 31.93
CA LEU A 60 -13.84 3.75 31.77
C LEU A 60 -14.39 5.17 31.79
N ALA A 61 -15.39 5.43 30.93
CA ALA A 61 -15.95 6.76 30.86
C ALA A 61 -17.41 6.73 31.31
N PRO A 62 -17.85 7.73 32.08
CA PRO A 62 -19.23 7.73 32.58
C PRO A 62 -20.24 8.13 31.52
N LEU A 63 -21.42 7.51 31.60
CA LEU A 63 -22.57 7.95 30.82
C LEU A 63 -23.35 8.98 31.61
N THR A 64 -24.01 9.89 30.90
CA THR A 64 -24.82 10.88 31.58
C THR A 64 -26.04 11.23 30.75
N SER A 65 -27.16 11.44 31.44
CA SER A 65 -28.44 11.74 30.84
C SER A 65 -28.48 13.18 30.31
N PRO A 66 -29.46 13.51 29.47
CA PRO A 66 -29.47 14.83 28.83
C PRO A 66 -29.48 15.99 29.81
N LYS A 67 -28.75 17.05 29.43
CA LYS A 67 -28.80 18.34 30.06
C LYS A 67 -28.95 19.38 28.96
N ALA A 68 -29.50 20.54 29.31
CA ALA A 68 -29.72 21.59 28.30
C ALA A 68 -28.43 21.96 27.58
N TRP A 69 -27.34 22.12 28.35
CA TRP A 69 -26.08 22.57 27.75
C TRP A 69 -25.50 21.58 26.75
N HIS A 70 -25.96 20.31 26.77
CA HIS A 70 -25.53 19.36 25.75
C HIS A 70 -25.85 19.84 24.34
N ALA A 71 -26.85 20.72 24.20
CA ALA A 71 -27.17 21.23 22.87
C ALA A 71 -26.01 22.01 22.26
N ASN A 72 -25.13 22.57 23.11
CA ASN A 72 -24.01 23.39 22.65
C ASN A 72 -22.72 22.60 22.45
N VAL A 73 -22.78 21.28 22.54
CA VAL A 73 -21.60 20.43 22.35
C VAL A 73 -21.37 20.24 20.86
N LYS A 74 -20.16 20.56 20.40
CA LYS A 74 -19.79 20.37 19.01
C LYS A 74 -19.19 18.98 18.86
N GLU A 75 -19.39 18.35 17.71
CA GLU A 75 -18.83 17.03 17.46
C GLU A 75 -17.29 17.01 17.58
N SER A 76 -16.63 18.13 17.27
CA SER A 76 -15.17 18.13 17.27
C SER A 76 -14.56 18.04 18.68
N SER A 77 -15.35 18.26 19.72
CA SER A 77 -14.79 18.23 21.06
C SER A 77 -14.56 16.79 21.51
N PRO A 78 -13.32 16.41 21.83
CA PRO A 78 -13.07 15.07 22.35
C PRO A 78 -13.46 14.88 23.82
N ALA A 79 -13.96 15.94 24.47
CA ALA A 79 -14.41 15.81 25.85
C ALA A 79 -15.72 15.04 25.97
N PHE A 80 -16.49 14.92 24.88
CA PHE A 80 -17.80 14.30 24.92
C PHE A 80 -17.97 13.41 23.69
N PHE A 81 -18.83 12.41 23.84
CA PHE A 81 -19.36 11.68 22.69
C PHE A 81 -20.86 11.62 22.84
N LYS A 82 -21.58 12.47 22.08
CA LYS A 82 -23.04 12.50 22.15
C LYS A 82 -23.61 11.19 21.64
N LEU A 83 -24.67 10.74 22.30
CA LEU A 83 -25.32 9.48 21.96
C LEU A 83 -26.72 9.74 21.42
N HIS A 84 -27.12 8.92 20.45
CA HIS A 84 -28.49 8.90 19.96
C HIS A 84 -28.73 7.54 19.33
N GLU A 85 -30.01 7.21 19.16
CA GLU A 85 -30.37 5.94 18.54
C GLU A 85 -29.87 5.91 17.11
N ASN A 86 -29.34 4.75 16.70
CA ASN A 86 -28.91 4.53 15.32
C ASN A 86 -30.00 4.90 14.33
N GLY A 87 -29.69 5.83 13.44
CA GLY A 87 -30.63 6.24 12.41
C GLY A 87 -31.81 7.04 12.90
N VAL A 88 -31.87 7.34 14.19
CA VAL A 88 -32.94 8.17 14.75
C VAL A 88 -32.27 9.27 15.56
N PRO A 89 -31.72 10.31 14.90
CA PRO A 89 -30.97 11.33 15.65
C PRO A 89 -31.80 12.11 16.65
N ASP A 90 -33.12 12.22 16.45
CA ASP A 90 -33.97 12.95 17.37
C ASP A 90 -34.14 12.23 18.71
N ASN A 91 -33.82 10.93 18.77
CA ASN A 91 -33.89 10.18 20.02
C ASN A 91 -32.52 10.27 20.70
N GLN A 92 -32.27 11.43 21.31
CA GLN A 92 -31.00 11.68 21.97
C GLN A 92 -30.92 10.86 23.26
N LEU A 93 -29.76 10.24 23.48
CA LEU A 93 -29.55 9.32 24.59
C LEU A 93 -28.44 9.78 25.53
N GLY A 94 -28.35 11.09 25.79
CA GLY A 94 -27.30 11.58 26.66
C GLY A 94 -25.95 11.54 25.99
N LEU A 95 -24.89 11.42 26.79
CA LEU A 95 -23.57 11.36 26.20
C LEU A 95 -22.60 10.60 27.08
N ILE A 96 -21.50 10.19 26.46
CA ILE A 96 -20.33 9.69 27.16
C ILE A 96 -19.49 10.90 27.53
N ASN A 97 -19.30 11.12 28.83
CA ASN A 97 -18.55 12.28 29.32
C ASN A 97 -17.07 11.91 29.44
N LEU A 98 -16.39 11.95 28.29
CA LEU A 98 -15.00 11.50 28.23
C LEU A 98 -14.10 12.32 29.13
N LYS A 99 -14.42 13.60 29.33
CA LYS A 99 -13.55 14.46 30.13
C LYS A 99 -13.45 13.99 31.58
N PHE A 100 -14.37 13.13 32.02
CA PHE A 100 -14.35 12.61 33.39
C PHE A 100 -14.12 11.11 33.42
N MET A 101 -13.48 10.56 32.39
CA MET A 101 -13.07 9.17 32.41
C MET A 101 -11.97 8.95 33.45
N ILE A 102 -11.86 7.72 33.92
CA ILE A 102 -10.92 7.40 35.01
C ILE A 102 -10.26 6.04 34.71
N PRO A 103 -9.00 5.94 35.16
CA PRO A 103 -8.35 4.62 35.11
C PRO A 103 -8.87 3.75 36.24
N ILE A 104 -8.92 2.44 35.99
CA ILE A 104 -9.59 1.52 36.90
C ILE A 104 -8.66 0.40 37.32
N ILE A 105 -8.98 -0.18 38.47
CA ILE A 105 -8.45 -1.47 38.91
C ILE A 105 -9.51 -2.51 38.58
N GLU A 106 -9.08 -3.62 37.96
CA GLU A 106 -10.05 -4.61 37.51
C GLU A 106 -10.89 -5.12 38.69
N ALA A 107 -10.30 -5.24 39.87
CA ALA A 107 -11.03 -5.77 41.01
C ALA A 107 -12.15 -4.84 41.48
N GLU A 108 -12.10 -3.56 41.11
CA GLU A 108 -13.08 -2.60 41.60
C GLU A 108 -14.19 -2.27 40.60
N VAL A 109 -14.24 -2.96 39.46
CA VAL A 109 -15.31 -2.75 38.49
C VAL A 109 -16.01 -4.07 38.21
N SER A 110 -17.27 -3.95 37.77
CA SER A 110 -18.07 -5.12 37.45
C SER A 110 -18.87 -4.86 36.19
N LEU A 111 -18.90 -5.84 35.28
CA LEU A 111 -19.78 -5.76 34.13
C LEU A 111 -21.22 -5.67 34.60
N LEU A 112 -22.02 -4.87 33.89
CA LEU A 112 -23.46 -4.97 34.07
C LEU A 112 -23.92 -6.36 33.62
N ASP A 113 -24.86 -6.93 34.38
CA ASP A 113 -25.37 -8.27 34.10
C ASP A 113 -26.57 -8.18 33.15
N LEU A 114 -26.27 -7.74 31.92
CA LEU A 114 -27.33 -7.49 30.93
C LEU A 114 -28.14 -8.74 30.66
N ASP A 115 -27.47 -9.85 30.36
CA ASP A 115 -28.15 -11.09 30.01
C ASP A 115 -29.00 -11.63 31.15
N SER A 116 -28.88 -11.08 32.35
CA SER A 116 -29.70 -11.48 33.48
C SER A 116 -30.56 -10.37 34.07
N MET A 117 -30.28 -9.12 33.74
CA MET A 117 -31.08 -8.01 34.27
C MET A 117 -32.53 -8.18 33.81
N PRO A 118 -33.51 -7.89 34.67
CA PRO A 118 -34.89 -7.98 34.22
C PRO A 118 -35.15 -6.94 33.14
N ASP A 119 -36.04 -7.27 32.24
CA ASP A 119 -36.33 -6.39 31.13
C ASP A 119 -37.07 -5.16 31.63
N THR A 120 -36.50 -3.99 31.40
CA THR A 120 -37.07 -2.72 31.81
C THR A 120 -36.86 -1.73 30.68
N PRO A 121 -37.62 -0.62 30.66
CA PRO A 121 -37.32 0.43 29.68
C PRO A 121 -35.87 0.89 29.73
N TYR A 122 -35.30 0.96 30.95
CA TYR A 122 -33.90 1.34 31.09
C TYR A 122 -32.97 0.38 30.34
N LYS A 123 -33.25 -0.92 30.42
CA LYS A 123 -32.42 -1.90 29.73
C LYS A 123 -32.54 -1.76 28.20
N ARG A 124 -33.76 -1.51 27.71
CA ARG A 124 -33.94 -1.24 26.29
C ARG A 124 -33.14 -0.02 25.84
N MET A 125 -33.17 1.04 26.66
CA MET A 125 -32.34 2.21 26.37
C MET A 125 -30.87 1.84 26.34
N LEU A 126 -30.44 1.03 27.31
CA LEU A 126 -29.04 0.59 27.33
C LEU A 126 -28.66 -0.09 26.03
N TYR A 127 -29.54 -0.92 25.49
CA TYR A 127 -29.23 -1.63 24.24
C TYR A 127 -29.19 -0.68 23.06
N LYS A 128 -30.09 0.31 23.03
CA LYS A 128 -30.04 1.30 21.97
C LYS A 128 -28.74 2.11 22.06
N GLN A 129 -28.30 2.43 23.28
CA GLN A 129 -27.02 3.10 23.47
C GLN A 129 -25.86 2.21 23.02
N LEU A 130 -25.93 0.93 23.36
CA LEU A 130 -24.83 0.00 23.07
C LEU A 130 -24.63 -0.13 21.57
N GLN A 131 -25.72 -0.20 20.81
CA GLN A 131 -25.57 -0.31 19.36
C GLN A 131 -24.81 0.89 18.78
N PHE A 132 -25.23 2.10 19.17
CA PHE A 132 -24.56 3.30 18.67
C PHE A 132 -23.11 3.35 19.10
N ILE A 133 -22.82 2.95 20.34
CA ILE A 133 -21.45 2.97 20.84
C ILE A 133 -20.60 1.95 20.08
N ARG A 134 -21.12 0.75 19.88
CA ARG A 134 -20.39 -0.26 19.12
C ARG A 134 -20.06 0.24 17.73
N VAL A 135 -21.03 0.88 17.06
CA VAL A 135 -20.77 1.34 15.70
C VAL A 135 -19.69 2.42 15.69
N ASN A 136 -19.56 3.17 16.78
CA ASN A 136 -18.62 4.28 16.86
C ASN A 136 -17.46 4.02 17.81
N GLU A 137 -17.20 2.77 18.18
CA GLU A 137 -16.18 2.49 19.19
C GLU A 137 -14.82 3.06 18.80
N ASP A 138 -14.46 2.97 17.52
CA ASP A 138 -13.16 3.50 17.10
C ASP A 138 -13.11 5.01 17.31
N LYS A 139 -14.17 5.72 16.92
CA LYS A 139 -14.23 7.16 17.14
C LYS A 139 -14.16 7.50 18.63
N ILE A 140 -14.85 6.73 19.46
CA ILE A 140 -14.83 7.02 20.90
C ILE A 140 -13.42 6.84 21.44
N SER A 141 -12.73 5.78 21.00
CA SER A 141 -11.36 5.56 21.46
C SER A 141 -10.44 6.68 20.97
N GLU A 142 -10.62 7.14 19.73
CA GLU A 142 -9.79 8.23 19.23
C GLU A 142 -10.01 9.49 20.05
N LYS A 143 -11.28 9.80 20.36
CA LYS A 143 -11.59 10.98 21.14
C LYS A 143 -11.00 10.89 22.54
N SER A 144 -11.03 9.68 23.13
CA SER A 144 -10.49 9.51 24.48
C SER A 144 -8.99 9.73 24.51
N LYS A 145 -8.28 9.13 23.55
CA LYS A 145 -6.83 9.33 23.46
C LYS A 145 -6.50 10.80 23.25
N LEU A 146 -7.20 11.46 22.31
CA LEU A 146 -6.94 12.86 22.03
C LEU A 146 -7.24 13.73 23.25
N LEU A 147 -8.34 13.46 23.94
CA LEU A 147 -8.72 14.24 25.10
C LEU A 147 -7.67 14.12 26.19
N ARG A 148 -7.24 12.90 26.49
CA ARG A 148 -6.19 12.72 27.50
C ARG A 148 -4.92 13.46 27.11
N ASN A 149 -4.51 13.34 25.84
CA ASN A 149 -3.29 14.00 25.41
C ASN A 149 -3.39 15.52 25.56
N LEU A 150 -4.52 16.11 25.12
CA LEU A 150 -4.68 17.56 25.21
C LEU A 150 -4.79 18.02 26.66
N ALA A 151 -5.49 17.25 27.49
CA ALA A 151 -5.64 17.61 28.90
C ALA A 151 -4.31 17.61 29.63
N LEU A 152 -3.47 16.59 29.36
CA LEU A 152 -2.16 16.54 29.99
C LEU A 152 -1.31 17.74 29.59
N GLN A 153 -1.49 18.25 28.37
CA GLN A 153 -0.78 19.45 27.97
C GLN A 153 -1.46 20.71 28.44
N GLY A 154 -2.55 20.58 29.21
CA GLY A 154 -3.30 21.74 29.66
C GLY A 154 -4.07 22.45 28.58
N ARG A 155 -4.54 21.73 27.56
CA ARG A 155 -5.23 22.34 26.44
C ARG A 155 -6.72 21.99 26.42
N MET A 156 -7.23 21.34 27.46
CA MET A 156 -8.64 21.05 27.65
C MET A 156 -9.13 21.78 28.89
N GLN A 157 -10.45 21.87 29.03
CA GLN A 157 -11.04 22.71 30.06
C GLN A 157 -11.61 21.80 31.13
N GLY A 158 -11.18 21.95 32.37
CA GLY A 158 -11.88 21.29 33.48
C GLY A 158 -12.13 19.81 33.36
N THR A 159 -11.16 19.04 32.87
CA THR A 159 -11.32 17.61 32.81
C THR A 159 -10.83 16.99 34.12
N CYS A 160 -10.80 15.66 34.17
CA CYS A 160 -10.21 14.99 35.31
C CYS A 160 -8.69 15.14 35.22
N ASP A 161 -8.02 14.94 36.35
CA ASP A 161 -6.58 15.17 36.44
C ASP A 161 -5.89 13.84 36.17
N PHE A 162 -5.73 13.54 34.88
CA PHE A 162 -5.29 12.21 34.47
C PHE A 162 -3.89 11.89 34.99
N ALA A 163 -3.01 12.89 35.10
CA ALA A 163 -1.66 12.64 35.61
C ALA A 163 -1.70 12.14 37.07
N VAL A 164 -2.43 12.86 37.94
CA VAL A 164 -2.49 12.43 39.33
C VAL A 164 -3.23 11.11 39.46
N LEU A 165 -4.32 10.94 38.69
CA LEU A 165 -5.07 9.70 38.76
C LEU A 165 -4.21 8.51 38.36
N GLU A 166 -3.43 8.65 37.29
CA GLU A 166 -2.56 7.56 36.86
C GLU A 166 -1.41 7.37 37.85
N GLU A 167 -1.01 8.43 38.56
CA GLU A 167 0.05 8.27 39.56
C GLU A 167 -0.45 7.55 40.80
N LYS A 168 -1.72 7.77 41.18
CA LYS A 168 -2.21 7.34 42.49
C LYS A 168 -3.12 6.12 42.49
N TYR A 169 -3.81 5.83 41.38
CA TYR A 169 -4.92 4.89 41.43
C TYR A 169 -4.49 3.48 41.81
N GLN A 170 -3.30 3.06 41.37
CA GLN A 170 -2.91 1.68 41.64
C GLN A 170 -2.56 1.41 43.09
N HIS A 171 -2.39 2.43 43.92
CA HIS A 171 -2.10 2.22 45.32
C HIS A 171 -3.35 2.13 46.19
N PHE A 172 -4.52 1.97 45.58
CA PHE A 172 -5.75 1.75 46.33
C PHE A 172 -5.67 0.42 47.06
N GLY A 173 -5.99 0.43 48.36
CA GLY A 173 -5.97 -0.78 49.16
C GLY A 173 -4.59 -1.28 49.54
N LYS A 174 -3.53 -0.58 49.15
CA LYS A 174 -2.17 -1.02 49.48
C LYS A 174 -1.51 -0.03 50.43
N MET C 12 -0.26 27.24 -5.73
CA MET C 12 -1.51 26.66 -6.22
C MET C 12 -2.73 27.47 -5.75
N ALA C 13 -3.67 27.68 -6.66
CA ALA C 13 -4.93 28.39 -6.41
C ALA C 13 -4.66 29.80 -5.86
N LYS C 14 -3.97 30.60 -6.67
CA LYS C 14 -3.75 32.01 -6.39
C LYS C 14 -4.05 32.81 -7.64
N PHE C 15 -4.62 34.00 -7.45
CA PHE C 15 -4.93 34.92 -8.54
C PHE C 15 -3.76 35.85 -8.80
N PHE C 16 -3.43 36.03 -10.07
CA PHE C 16 -2.33 36.87 -10.51
C PHE C 16 -2.81 37.82 -11.61
N THR C 17 -2.09 38.92 -11.75
CA THR C 17 -2.06 39.70 -12.97
C THR C 17 -0.65 39.57 -13.55
N ILE C 18 -0.55 39.81 -14.85
CA ILE C 18 0.70 39.64 -15.57
C ILE C 18 1.01 40.96 -16.27
N SER C 19 2.28 41.37 -16.22
CA SER C 19 2.66 42.65 -16.79
C SER C 19 2.28 42.72 -18.27
N SER C 20 1.79 43.89 -18.69
CA SER C 20 1.34 44.08 -20.06
C SER C 20 2.48 43.89 -21.05
N SER C 21 3.70 44.27 -20.65
CA SER C 21 4.84 44.13 -21.56
C SER C 21 5.16 42.66 -21.79
N TYR C 22 5.12 41.83 -20.75
CA TYR C 22 5.32 40.40 -20.93
C TYR C 22 4.27 39.80 -21.85
N ILE C 23 3.00 40.20 -21.65
CA ILE C 23 1.92 39.70 -22.50
C ILE C 23 2.17 40.05 -23.95
N LYS C 24 2.53 41.31 -24.22
CA LYS C 24 2.75 41.70 -25.61
C LYS C 24 3.99 41.03 -26.19
N TYR C 25 5.04 40.84 -25.38
CA TYR C 25 6.20 40.08 -25.82
C TYR C 25 5.81 38.69 -26.28
N LEU C 26 5.03 37.99 -25.46
CA LEU C 26 4.59 36.64 -25.85
C LEU C 26 3.68 36.69 -27.07
N LYS C 27 2.82 37.70 -27.15
CA LYS C 27 1.92 37.81 -28.29
C LYS C 27 2.69 37.99 -29.60
N ASP C 28 3.90 38.54 -29.51
CA ASP C 28 4.73 38.63 -30.72
C ASP C 28 4.99 37.25 -31.32
N PHE C 29 5.02 36.21 -30.50
CA PHE C 29 5.30 34.86 -31.00
C PHE C 29 4.06 34.01 -31.15
N ASP C 30 2.96 34.36 -30.50
CA ASP C 30 1.75 33.53 -30.52
C ASP C 30 0.56 34.44 -30.26
N ASP C 31 -0.23 34.69 -31.30
CA ASP C 31 -1.34 35.63 -31.22
C ASP C 31 -2.51 35.13 -30.38
N LYS C 32 -2.49 33.88 -29.93
CA LYS C 32 -3.58 33.38 -29.10
C LYS C 32 -3.38 33.66 -27.63
N VAL C 33 -2.22 34.18 -27.24
CA VAL C 33 -1.96 34.64 -25.88
C VAL C 33 -3.08 35.61 -25.53
N PRO C 34 -3.69 35.51 -24.35
CA PRO C 34 -4.88 36.30 -24.05
C PRO C 34 -4.63 37.80 -24.13
N ASN C 35 -5.62 38.54 -24.65
CA ASN C 35 -5.60 39.99 -24.58
C ASN C 35 -5.57 40.37 -23.09
N SER C 36 -4.68 41.29 -22.71
CA SER C 36 -4.54 41.59 -21.29
C SER C 36 -5.18 42.90 -20.85
N GLU C 37 -5.31 43.87 -21.74
CA GLU C 37 -6.03 45.09 -21.42
C GLU C 37 -6.87 45.46 -22.63
N ASP C 38 -7.98 46.11 -22.35
CA ASP C 38 -9.03 46.50 -23.26
C ASP C 38 -9.74 47.62 -22.51
N PRO C 39 -9.97 48.77 -23.16
CA PRO C 39 -10.59 49.89 -22.43
C PRO C 39 -11.94 49.54 -21.82
N THR C 40 -12.63 48.54 -22.36
CA THR C 40 -13.90 48.09 -21.81
C THR C 40 -13.74 47.26 -20.54
N TYR C 41 -12.53 46.79 -20.24
CA TYR C 41 -12.31 45.94 -19.08
C TYR C 41 -12.49 46.73 -17.78
N ASN C 42 -13.33 46.23 -16.88
CA ASN C 42 -13.47 46.87 -15.58
C ASN C 42 -12.27 46.58 -14.70
N ASN C 43 -11.75 45.37 -14.76
CA ASN C 43 -10.58 44.96 -14.00
C ASN C 43 -9.56 44.36 -14.96
N PRO C 44 -8.30 44.27 -14.55
CA PRO C 44 -7.31 43.59 -15.40
C PRO C 44 -7.69 42.13 -15.58
N LYS C 45 -7.17 41.54 -16.66
CA LYS C 45 -7.39 40.12 -16.90
C LYS C 45 -6.74 39.32 -15.77
N ALA C 46 -7.56 38.58 -15.02
CA ALA C 46 -7.06 37.79 -13.91
C ALA C 46 -6.65 36.40 -14.39
N PHE C 47 -5.54 35.92 -13.84
CA PHE C 47 -5.01 34.59 -14.12
C PHE C 47 -5.02 33.77 -12.84
N ILE C 48 -5.14 32.45 -12.98
CA ILE C 48 -5.02 31.55 -11.84
C ILE C 48 -3.77 30.71 -12.02
N GLY C 49 -3.09 30.44 -10.91
CA GLY C 49 -1.88 29.64 -10.97
C GLY C 49 -1.41 29.27 -9.57
N ILE C 50 -0.35 28.48 -9.52
CA ILE C 50 0.29 27.91 -10.71
C ILE C 50 -0.42 26.60 -11.08
N VAL C 51 -0.97 26.54 -12.30
CA VAL C 51 -1.76 25.36 -12.65
C VAL C 51 -0.89 24.20 -13.11
N LEU C 52 0.32 24.48 -13.58
CA LEU C 52 1.21 23.43 -14.09
C LEU C 52 2.64 23.88 -13.93
N GLU C 53 3.48 22.98 -13.46
CA GLU C 53 4.92 23.20 -13.39
C GLU C 53 5.58 22.02 -14.08
N ILE C 54 6.19 22.27 -15.24
CA ILE C 54 6.76 21.17 -16.02
C ILE C 54 8.00 21.65 -16.76
N GLU C 55 9.09 20.89 -16.62
CA GLU C 55 10.35 21.18 -17.29
C GLU C 55 10.84 22.60 -16.96
N GLY C 56 10.64 22.99 -15.70
CA GLY C 56 11.04 24.31 -15.24
C GLY C 56 10.12 25.44 -15.63
N HIS C 57 9.08 25.17 -16.40
CA HIS C 57 8.15 26.22 -16.81
C HIS C 57 6.99 26.25 -15.82
N LYS C 58 6.66 27.46 -15.35
CA LYS C 58 5.51 27.67 -14.47
C LYS C 58 4.40 28.31 -15.28
N TYR C 59 3.19 27.75 -15.18
CA TYR C 59 2.08 28.15 -16.02
C TYR C 59 0.99 28.85 -15.22
N LEU C 60 0.45 29.91 -15.81
CA LEU C 60 -0.74 30.60 -15.33
C LEU C 60 -1.82 30.51 -16.39
N ALA C 61 -3.06 30.36 -15.95
CA ALA C 61 -4.14 30.26 -16.90
C ALA C 61 -5.12 31.42 -16.73
N PRO C 62 -5.61 31.99 -17.82
CA PRO C 62 -6.54 33.12 -17.72
C PRO C 62 -7.93 32.66 -17.33
N LEU C 63 -8.59 33.51 -16.55
CA LEU C 63 -10.01 33.34 -16.27
C LEU C 63 -10.82 34.08 -17.34
N THR C 64 -12.01 33.59 -17.61
CA THR C 64 -12.85 34.28 -18.59
C THR C 64 -14.32 34.17 -18.19
N SER C 65 -15.04 35.25 -18.40
CA SER C 65 -16.45 35.36 -18.01
C SER C 65 -17.33 34.56 -18.97
N PRO C 66 -18.58 34.29 -18.58
CA PRO C 66 -19.44 33.44 -19.40
C PRO C 66 -19.61 33.94 -20.83
N LYS C 67 -19.62 33.00 -21.76
CA LYS C 67 -20.02 33.22 -23.14
C LYS C 67 -21.03 32.14 -23.51
N ALA C 68 -21.85 32.43 -24.52
CA ALA C 68 -22.90 31.49 -24.88
C ALA C 68 -22.33 30.10 -25.17
N TRP C 69 -21.23 30.05 -25.92
CA TRP C 69 -20.65 28.77 -26.31
C TRP C 69 -20.12 27.97 -25.14
N HIS C 70 -19.94 28.60 -23.97
CA HIS C 70 -19.56 27.84 -22.79
C HIS C 70 -20.57 26.74 -22.49
N ALA C 71 -21.82 26.90 -22.94
CA ALA C 71 -22.81 25.86 -22.71
C ALA C 71 -22.47 24.56 -23.42
N ASN C 72 -21.71 24.62 -24.51
CA ASN C 72 -21.38 23.43 -25.29
C ASN C 72 -20.06 22.79 -24.87
N VAL C 73 -19.46 23.26 -23.78
CA VAL C 73 -18.18 22.73 -23.31
C VAL C 73 -18.45 21.48 -22.49
N LYS C 74 -17.81 20.38 -22.87
CA LYS C 74 -17.93 19.13 -22.11
C LYS C 74 -16.84 19.05 -21.05
N GLU C 75 -17.19 18.45 -19.92
CA GLU C 75 -16.26 18.36 -18.79
C GLU C 75 -14.98 17.64 -19.16
N SER C 76 -15.05 16.68 -20.08
CA SER C 76 -13.88 15.87 -20.42
C SER C 76 -12.81 16.66 -21.18
N SER C 77 -13.12 17.84 -21.68
CA SER C 77 -12.15 18.61 -22.42
C SER C 77 -11.15 19.23 -21.47
N PRO C 78 -9.85 18.93 -21.61
CA PRO C 78 -8.84 19.60 -20.77
C PRO C 78 -8.55 21.03 -21.22
N ALA C 79 -9.20 21.52 -22.27
CA ALA C 79 -9.00 22.90 -22.69
C ALA C 79 -9.63 23.89 -21.74
N PHE C 80 -10.58 23.46 -20.90
CA PHE C 80 -11.32 24.34 -20.04
C PHE C 80 -11.51 23.71 -18.67
N PHE C 81 -11.67 24.55 -17.65
CA PHE C 81 -12.23 24.09 -16.36
C PHE C 81 -13.34 25.06 -15.97
N LYS C 82 -14.58 24.63 -16.16
CA LYS C 82 -15.74 25.46 -15.85
C LYS C 82 -15.83 25.73 -14.36
N LEU C 83 -16.23 26.96 -14.02
CA LEU C 83 -16.31 27.41 -12.63
C LEU C 83 -17.77 27.67 -12.26
N HIS C 84 -18.10 27.35 -11.02
CA HIS C 84 -19.40 27.71 -10.47
C HIS C 84 -19.29 27.74 -8.96
N GLU C 85 -20.27 28.39 -8.33
CA GLU C 85 -20.28 28.46 -6.87
C GLU C 85 -20.41 27.06 -6.28
N ASN C 86 -19.63 26.80 -5.23
CA ASN C 86 -19.71 25.52 -4.52
C ASN C 86 -21.14 25.21 -4.12
N GLY C 87 -21.64 24.06 -4.58
CA GLY C 87 -22.98 23.63 -4.24
C GLY C 87 -24.10 24.37 -4.92
N VAL C 88 -23.79 25.30 -5.81
CA VAL C 88 -24.80 26.05 -6.56
C VAL C 88 -24.44 25.95 -8.04
N PRO C 89 -24.73 24.82 -8.69
CA PRO C 89 -24.30 24.65 -10.09
C PRO C 89 -24.90 25.68 -11.04
N ASP C 90 -26.07 26.24 -10.72
CA ASP C 90 -26.67 27.24 -11.60
C ASP C 90 -25.91 28.56 -11.60
N ASN C 91 -25.08 28.82 -10.58
CA ASN C 91 -24.32 30.07 -10.49
C ASN C 91 -22.96 29.90 -11.17
N GLN C 92 -22.97 29.98 -12.50
CA GLN C 92 -21.75 29.82 -13.28
C GLN C 92 -20.85 31.04 -13.12
N LEU C 93 -19.57 30.79 -12.92
CA LEU C 93 -18.57 31.82 -12.65
C LEU C 93 -17.50 31.84 -13.74
N GLY C 94 -17.92 31.63 -15.00
CA GLY C 94 -16.98 31.60 -16.09
C GLY C 94 -16.19 30.31 -16.10
N LEU C 95 -14.98 30.38 -16.68
CA LEU C 95 -14.14 29.20 -16.72
C LEU C 95 -12.67 29.59 -16.73
N ILE C 96 -11.83 28.63 -16.38
CA ILE C 96 -10.39 28.73 -16.58
C ILE C 96 -10.12 28.27 -17.99
N ASN C 97 -9.61 29.18 -18.83
CA ASN C 97 -9.32 28.87 -20.23
C ASN C 97 -7.90 28.33 -20.32
N LEU C 98 -7.76 27.04 -19.97
CA LEU C 98 -6.44 26.42 -19.93
C LEU C 98 -5.79 26.40 -21.31
N LYS C 99 -6.59 26.35 -22.38
CA LYS C 99 -6.01 26.30 -23.70
C LYS C 99 -5.18 27.53 -24.04
N PHE C 100 -5.36 28.62 -23.29
CA PHE C 100 -4.57 29.84 -23.49
C PHE C 100 -3.70 30.14 -22.28
N MET C 101 -3.36 29.12 -21.50
CA MET C 101 -2.39 29.30 -20.44
C MET C 101 -1.02 29.60 -21.02
N ILE C 102 -0.18 30.24 -20.21
CA ILE C 102 1.13 30.69 -20.68
C ILE C 102 2.16 30.45 -19.59
N PRO C 103 3.40 30.18 -20.00
CA PRO C 103 4.51 30.16 -19.04
C PRO C 103 4.89 31.58 -18.65
N ILE C 104 5.36 31.74 -17.41
CA ILE C 104 5.57 33.07 -16.85
C ILE C 104 7.00 33.23 -16.35
N ILE C 105 7.45 34.47 -16.32
CA ILE C 105 8.63 34.89 -15.57
C ILE C 105 8.12 35.51 -14.29
N GLU C 106 8.65 35.08 -13.14
CA GLU C 106 8.04 35.46 -11.87
C GLU C 106 8.11 36.96 -11.63
N ALA C 107 9.14 37.63 -12.13
CA ALA C 107 9.24 39.08 -11.97
C ALA C 107 8.15 39.82 -12.73
N GLU C 108 7.52 39.18 -13.72
CA GLU C 108 6.52 39.84 -14.55
C GLU C 108 5.09 39.51 -14.13
N VAL C 109 4.91 38.82 -13.00
CA VAL C 109 3.57 38.54 -12.49
C VAL C 109 3.45 39.08 -11.08
N SER C 110 2.22 39.40 -10.68
CA SER C 110 1.93 39.93 -9.36
C SER C 110 0.66 39.30 -8.83
N LEU C 111 0.71 38.87 -7.57
CA LEU C 111 -0.50 38.44 -6.90
C LEU C 111 -1.53 39.56 -6.87
N LEU C 112 -2.79 39.20 -7.02
CA LEU C 112 -3.87 40.12 -6.69
C LEU C 112 -3.80 40.46 -5.21
N ASP C 113 -4.10 41.72 -4.87
CA ASP C 113 -4.01 42.18 -3.48
C ASP C 113 -5.33 41.96 -2.74
N LEU C 114 -5.69 40.67 -2.59
CA LEU C 114 -6.95 40.32 -1.95
C LEU C 114 -7.00 40.77 -0.50
N ASP C 115 -5.86 40.82 0.18
CA ASP C 115 -5.85 41.25 1.58
C ASP C 115 -6.31 42.70 1.72
N SER C 116 -5.80 43.58 0.87
CA SER C 116 -6.02 45.02 1.02
C SER C 116 -7.01 45.61 0.03
N MET C 117 -7.39 44.87 -1.01
CA MET C 117 -8.35 45.41 -1.96
C MET C 117 -9.67 45.72 -1.25
N PRO C 118 -10.31 46.83 -1.57
CA PRO C 118 -11.60 47.12 -0.94
C PRO C 118 -12.64 46.12 -1.41
N ASP C 119 -13.64 45.92 -0.56
CA ASP C 119 -14.70 44.96 -0.84
C ASP C 119 -15.59 45.46 -1.97
N THR C 120 -15.73 44.65 -3.01
CA THR C 120 -16.56 44.94 -4.17
C THR C 120 -17.27 43.66 -4.57
N PRO C 121 -18.35 43.77 -5.37
CA PRO C 121 -18.95 42.53 -5.92
C PRO C 121 -17.96 41.67 -6.68
N TYR C 122 -17.06 42.29 -7.44
CA TYR C 122 -16.06 41.52 -8.16
C TYR C 122 -15.20 40.71 -7.19
N LYS C 123 -14.82 41.31 -6.06
CA LYS C 123 -14.01 40.59 -5.08
C LYS C 123 -14.79 39.45 -4.44
N ARG C 124 -16.09 39.65 -4.20
CA ARG C 124 -16.94 38.56 -3.72
C ARG C 124 -16.93 37.39 -4.70
N MET C 125 -17.08 37.69 -5.99
CA MET C 125 -17.03 36.65 -7.01
C MET C 125 -15.67 35.96 -7.02
N LEU C 126 -14.60 36.74 -6.90
CA LEU C 126 -13.26 36.17 -6.82
C LEU C 126 -13.16 35.14 -5.70
N TYR C 127 -13.74 35.45 -4.54
CA TYR C 127 -13.65 34.52 -3.42
C TYR C 127 -14.47 33.25 -3.66
N LYS C 128 -15.65 33.39 -4.29
CA LYS C 128 -16.39 32.18 -4.64
C LYS C 128 -15.63 31.32 -5.65
N GLN C 129 -15.00 31.97 -6.63
CA GLN C 129 -14.17 31.26 -7.59
C GLN C 129 -12.99 30.58 -6.90
N LEU C 130 -12.38 31.27 -5.95
CA LEU C 130 -11.22 30.73 -5.26
C LEU C 130 -11.58 29.48 -4.48
N GLN C 131 -12.72 29.49 -3.80
CA GLN C 131 -13.12 28.28 -3.07
C GLN C 131 -13.33 27.11 -4.03
N PHE C 132 -14.06 27.35 -5.13
CA PHE C 132 -14.29 26.25 -6.08
C PHE C 132 -12.99 25.75 -6.67
N ILE C 133 -12.06 26.65 -6.98
CA ILE C 133 -10.78 26.24 -7.55
C ILE C 133 -9.96 25.46 -6.52
N ARG C 134 -9.92 25.96 -5.28
CA ARG C 134 -9.17 25.26 -4.23
C ARG C 134 -9.64 23.83 -4.07
N VAL C 135 -10.96 23.61 -4.08
CA VAL C 135 -11.47 22.25 -3.91
C VAL C 135 -11.08 21.35 -5.08
N ASN C 136 -10.86 21.95 -6.26
CA ASN C 136 -10.58 21.20 -7.48
C ASN C 136 -9.13 21.35 -7.95
N GLU C 137 -8.21 21.72 -7.06
CA GLU C 137 -6.84 22.03 -7.46
C GLU C 137 -6.20 20.90 -8.26
N ASP C 138 -6.33 19.67 -7.77
CA ASP C 138 -5.69 18.55 -8.43
C ASP C 138 -6.29 18.30 -9.81
N LYS C 139 -7.62 18.36 -9.91
CA LYS C 139 -8.27 18.20 -11.20
C LYS C 139 -7.79 19.25 -12.19
N ILE C 140 -7.64 20.50 -11.75
CA ILE C 140 -7.17 21.55 -12.64
C ILE C 140 -5.75 21.27 -13.10
N SER C 141 -4.89 20.82 -12.18
CA SER C 141 -3.52 20.51 -12.57
C SER C 141 -3.46 19.35 -13.56
N GLU C 142 -4.29 18.33 -13.34
CA GLU C 142 -4.33 17.19 -14.26
C GLU C 142 -4.75 17.64 -15.65
N LYS C 143 -5.79 18.49 -15.71
CA LYS C 143 -6.25 19.00 -16.99
C LYS C 143 -5.17 19.84 -17.67
N SER C 144 -4.44 20.63 -16.89
CA SER C 144 -3.39 21.46 -17.49
C SER C 144 -2.29 20.61 -18.11
N LYS C 145 -1.81 19.62 -17.37
CA LYS C 145 -0.78 18.75 -17.90
C LYS C 145 -1.26 18.02 -19.14
N LEU C 146 -2.48 17.45 -19.07
CA LEU C 146 -3.02 16.72 -20.22
C LEU C 146 -3.20 17.62 -21.43
N LEU C 147 -3.72 18.83 -21.22
CA LEU C 147 -3.95 19.73 -22.33
C LEU C 147 -2.63 20.09 -23.00
N ARG C 148 -1.61 20.43 -22.20
CA ARG C 148 -0.31 20.73 -22.81
C ARG C 148 0.21 19.53 -23.59
N ASN C 149 0.10 18.33 -23.00
CA ASN C 149 0.61 17.13 -23.67
C ASN C 149 -0.09 16.89 -25.00
N LEU C 150 -1.41 16.98 -25.01
CA LEU C 150 -2.18 16.75 -26.23
C LEU C 150 -1.94 17.84 -27.26
N ALA C 151 -1.84 19.10 -26.82
CA ALA C 151 -1.61 20.19 -27.75
C ALA C 151 -0.27 20.05 -28.44
N LEU C 152 0.77 19.65 -27.70
CA LEU C 152 2.09 19.47 -28.30
C LEU C 152 2.06 18.39 -29.38
N GLN C 153 1.22 17.38 -29.22
CA GLN C 153 1.07 16.33 -30.22
C GLN C 153 0.08 16.69 -31.32
N GLY C 154 -0.46 17.91 -31.31
CA GLY C 154 -1.48 18.27 -32.28
C GLY C 154 -2.80 17.58 -32.08
N ARG C 155 -3.09 17.10 -30.87
CA ARG C 155 -4.36 16.42 -30.58
C ARG C 155 -5.41 17.37 -30.00
N MET C 156 -5.05 18.62 -29.75
CA MET C 156 -6.00 19.65 -29.36
C MET C 156 -6.02 20.72 -30.43
N GLN C 157 -7.11 21.49 -30.51
CA GLN C 157 -7.31 22.47 -31.56
C GLN C 157 -7.23 23.90 -31.03
N GLY C 158 -6.42 24.72 -31.70
CA GLY C 158 -6.35 26.16 -31.49
C GLY C 158 -6.01 26.63 -30.09
N THR C 159 -5.08 25.95 -29.43
CA THR C 159 -4.59 26.38 -28.12
C THR C 159 -3.42 27.33 -28.34
N CYS C 160 -2.76 27.71 -27.26
CA CYS C 160 -1.54 28.48 -27.41
C CYS C 160 -0.43 27.56 -27.91
N ASP C 161 0.62 28.18 -28.46
CA ASP C 161 1.71 27.43 -29.10
C ASP C 161 2.77 27.20 -28.02
N PHE C 162 2.54 26.15 -27.22
CA PHE C 162 3.32 25.95 -26.01
C PHE C 162 4.79 25.73 -26.32
N ALA C 163 5.09 25.06 -27.43
CA ALA C 163 6.49 24.84 -27.81
C ALA C 163 7.20 26.17 -28.06
N VAL C 164 6.57 27.03 -28.86
CA VAL C 164 7.17 28.33 -29.19
C VAL C 164 7.22 29.23 -27.96
N LEU C 165 6.16 29.25 -27.16
CA LEU C 165 6.17 30.07 -25.94
C LEU C 165 7.28 29.62 -25.00
N GLU C 166 7.45 28.31 -24.81
CA GLU C 166 8.48 27.81 -23.93
C GLU C 166 9.87 28.03 -24.50
N GLU C 167 10.00 28.08 -25.83
CA GLU C 167 11.29 28.40 -26.42
C GLU C 167 11.63 29.88 -26.25
N LYS C 168 10.63 30.77 -26.29
CA LYS C 168 10.89 32.20 -26.42
C LYS C 168 10.73 33.00 -25.13
N TYR C 169 9.92 32.53 -24.17
CA TYR C 169 9.53 33.39 -23.06
C TYR C 169 10.72 33.85 -22.24
N GLN C 170 11.75 33.01 -22.12
CA GLN C 170 12.85 33.43 -21.28
C GLN C 170 13.75 34.49 -21.92
N HIS C 171 13.69 34.80 -23.22
CA HIS C 171 14.53 35.93 -23.61
C HIS C 171 13.81 37.27 -23.48
N PHE C 172 12.74 37.35 -22.70
CA PHE C 172 12.07 38.62 -22.48
C PHE C 172 13.03 39.60 -21.80
N GLY C 173 13.09 40.83 -22.32
CA GLY C 173 13.91 41.91 -21.76
C GLY C 173 15.39 41.87 -22.07
N LYS C 174 15.86 40.88 -22.83
CA LYS C 174 17.29 40.79 -23.15
C LYS C 174 17.55 40.94 -24.65
N MET E 12 -14.57 -12.51 -19.29
CA MET E 12 -15.52 -12.15 -18.24
C MET E 12 -16.78 -11.50 -18.82
N ALA E 13 -17.94 -11.92 -18.31
CA ALA E 13 -19.23 -11.35 -18.70
C ALA E 13 -19.49 -11.47 -20.20
N LYS E 14 -19.59 -12.72 -20.67
CA LYS E 14 -19.98 -13.02 -22.04
C LYS E 14 -21.07 -14.10 -22.01
N PHE E 15 -22.01 -14.00 -22.96
CA PHE E 15 -23.08 -14.97 -23.10
C PHE E 15 -22.65 -16.12 -24.01
N PHE E 16 -22.96 -17.35 -23.59
CA PHE E 16 -22.62 -18.56 -24.30
C PHE E 16 -23.83 -19.47 -24.42
N THR E 17 -23.81 -20.32 -25.44
CA THR E 17 -24.62 -21.53 -25.50
C THR E 17 -23.69 -22.73 -25.44
N ILE E 18 -24.24 -23.87 -25.04
CA ILE E 18 -23.46 -25.08 -24.84
C ILE E 18 -24.10 -26.20 -25.66
N SER E 19 -23.26 -27.00 -26.32
CA SER E 19 -23.74 -28.06 -27.18
C SER E 19 -24.61 -29.03 -26.41
N SER E 20 -25.68 -29.50 -27.06
CA SER E 20 -26.60 -30.42 -26.39
C SER E 20 -25.92 -31.74 -26.03
N SER E 21 -25.00 -32.21 -26.86
CA SER E 21 -24.35 -33.48 -26.59
C SER E 21 -23.45 -33.39 -25.36
N TYR E 22 -22.72 -32.28 -25.20
CA TYR E 22 -21.93 -32.09 -24.00
C TYR E 22 -22.82 -32.05 -22.76
N ILE E 23 -23.95 -31.36 -22.87
CA ILE E 23 -24.90 -31.30 -21.76
C ILE E 23 -25.38 -32.70 -21.39
N LYS E 24 -25.72 -33.53 -22.38
CA LYS E 24 -26.16 -34.89 -22.10
C LYS E 24 -25.05 -35.71 -21.45
N TYR E 25 -23.84 -35.58 -21.96
CA TYR E 25 -22.70 -36.29 -21.37
C TYR E 25 -22.55 -35.95 -19.90
N LEU E 26 -22.58 -34.65 -19.57
CA LEU E 26 -22.47 -34.26 -18.17
C LEU E 26 -23.67 -34.71 -17.36
N LYS E 27 -24.88 -34.66 -17.95
CA LYS E 27 -26.08 -35.08 -17.24
C LYS E 27 -26.01 -36.54 -16.86
N ASP E 28 -25.27 -37.35 -17.64
CA ASP E 28 -25.13 -38.76 -17.28
C ASP E 28 -24.49 -38.95 -15.91
N PHE E 29 -23.64 -38.01 -15.48
CA PHE E 29 -22.97 -38.11 -14.20
C PHE E 29 -23.61 -37.25 -13.11
N ASP E 30 -24.42 -36.27 -13.49
CA ASP E 30 -25.03 -35.38 -12.50
C ASP E 30 -26.30 -34.84 -13.14
N ASP E 31 -27.45 -35.33 -12.67
CA ASP E 31 -28.73 -34.95 -13.27
C ASP E 31 -29.14 -33.52 -12.96
N LYS E 32 -28.38 -32.78 -12.16
CA LYS E 32 -28.71 -31.40 -11.87
C LYS E 32 -28.13 -30.43 -12.90
N VAL E 33 -27.28 -30.92 -13.80
CA VAL E 33 -26.75 -30.15 -14.92
C VAL E 33 -27.94 -29.54 -15.66
N PRO E 34 -27.90 -28.26 -16.02
CA PRO E 34 -29.11 -27.60 -16.55
C PRO E 34 -29.67 -28.32 -17.77
N ASN E 35 -31.00 -28.36 -17.82
CA ASN E 35 -31.69 -28.83 -19.02
C ASN E 35 -31.37 -27.93 -20.20
N SER E 36 -31.09 -28.56 -21.34
CA SER E 36 -30.79 -27.85 -22.58
C SER E 36 -31.92 -27.93 -23.58
N GLU E 37 -32.86 -28.86 -23.41
CA GLU E 37 -33.95 -29.03 -24.35
C GLU E 37 -35.27 -28.93 -23.59
N ASP E 38 -36.21 -28.22 -24.19
CA ASP E 38 -37.54 -27.99 -23.66
C ASP E 38 -38.35 -27.33 -24.77
N PRO E 39 -39.50 -27.89 -25.15
CA PRO E 39 -40.31 -27.25 -26.20
C PRO E 39 -40.79 -25.85 -25.82
N THR E 40 -40.87 -25.55 -24.53
CA THR E 40 -41.28 -24.23 -24.07
C THR E 40 -40.20 -23.17 -24.21
N TYR E 41 -38.94 -23.55 -24.43
CA TYR E 41 -37.88 -22.56 -24.54
C TYR E 41 -38.05 -21.79 -25.86
N ASN E 42 -38.11 -20.46 -25.77
CA ASN E 42 -38.15 -19.65 -26.98
C ASN E 42 -36.76 -19.48 -27.58
N ASN E 43 -35.76 -19.35 -26.73
CA ASN E 43 -34.37 -19.22 -27.14
C ASN E 43 -33.58 -20.31 -26.43
N PRO E 44 -32.39 -20.63 -26.91
CA PRO E 44 -31.56 -21.60 -26.20
C PRO E 44 -31.22 -21.11 -24.80
N LYS E 45 -30.86 -22.07 -23.94
CA LYS E 45 -30.41 -21.75 -22.60
C LYS E 45 -29.11 -20.94 -22.67
N ALA E 46 -29.15 -19.72 -22.17
CA ALA E 46 -27.97 -18.86 -22.16
C ALA E 46 -27.20 -19.08 -20.87
N PHE E 47 -25.87 -19.11 -21.00
CA PHE E 47 -24.96 -19.17 -19.87
C PHE E 47 -24.13 -17.90 -19.86
N ILE E 48 -23.67 -17.51 -18.68
CA ILE E 48 -22.75 -16.38 -18.53
C ILE E 48 -21.39 -16.93 -18.11
N GLY E 49 -20.32 -16.33 -18.62
CA GLY E 49 -19.01 -16.81 -18.25
C GLY E 49 -17.92 -15.87 -18.72
N ILE E 50 -16.69 -16.19 -18.33
CA ILE E 50 -16.38 -17.31 -17.44
C ILE E 50 -16.50 -16.82 -16.00
N VAL E 51 -17.36 -17.46 -15.20
CA VAL E 51 -17.60 -16.98 -13.85
C VAL E 51 -16.51 -17.42 -12.88
N LEU E 52 -15.82 -18.51 -13.19
CA LEU E 52 -14.76 -19.01 -12.31
C LEU E 52 -13.76 -19.81 -13.12
N GLU E 53 -12.48 -19.56 -12.88
CA GLU E 53 -11.41 -20.36 -13.46
C GLU E 53 -10.52 -20.82 -12.32
N ILE E 54 -10.56 -22.11 -12.03
CA ILE E 54 -9.84 -22.65 -10.88
C ILE E 54 -9.34 -24.05 -11.22
N GLU E 55 -8.07 -24.30 -10.93
CA GLU E 55 -7.45 -25.60 -11.14
C GLU E 55 -7.61 -26.07 -12.59
N GLY E 56 -7.50 -25.13 -13.53
CA GLY E 56 -7.64 -25.44 -14.94
C GLY E 56 -9.06 -25.56 -15.44
N HIS E 57 -10.04 -25.47 -14.55
CA HIS E 57 -11.43 -25.58 -14.93
C HIS E 57 -12.03 -24.20 -15.20
N LYS E 58 -12.72 -24.07 -16.32
CA LYS E 58 -13.46 -22.87 -16.68
C LYS E 58 -14.95 -23.16 -16.50
N TYR E 59 -15.65 -22.28 -15.79
CA TYR E 59 -17.04 -22.50 -15.43
C TYR E 59 -17.94 -21.49 -16.16
N LEU E 60 -19.08 -21.98 -16.64
CA LEU E 60 -20.16 -21.16 -17.15
C LEU E 60 -21.39 -21.40 -16.28
N ALA E 61 -22.13 -20.34 -16.01
CA ALA E 61 -23.29 -20.47 -15.16
C ALA E 61 -24.57 -20.16 -15.93
N PRO E 62 -25.63 -20.95 -15.71
CA PRO E 62 -26.88 -20.72 -16.45
C PRO E 62 -27.63 -19.51 -15.94
N LEU E 63 -28.29 -18.82 -16.87
CA LEU E 63 -29.24 -17.77 -16.55
C LEU E 63 -30.62 -18.40 -16.40
N THR E 64 -31.46 -17.78 -15.57
CA THR E 64 -32.82 -18.28 -15.43
C THR E 64 -33.79 -17.13 -15.21
N SER E 65 -34.96 -17.26 -15.83
CA SER E 65 -36.01 -16.25 -15.79
C SER E 65 -36.71 -16.24 -14.43
N PRO E 66 -37.43 -15.17 -14.10
CA PRO E 66 -38.03 -15.06 -12.77
C PRO E 66 -38.97 -16.22 -12.43
N LYS E 67 -38.89 -16.66 -11.18
CA LYS E 67 -39.83 -17.58 -10.59
C LYS E 67 -40.24 -17.06 -9.22
N ALA E 68 -41.39 -17.51 -8.73
CA ALA E 68 -41.91 -17.00 -7.47
C ALA E 68 -40.92 -17.20 -6.33
N TRP E 69 -40.28 -18.37 -6.26
CA TRP E 69 -39.38 -18.63 -5.13
C TRP E 69 -38.15 -17.73 -5.16
N HIS E 70 -37.85 -17.10 -6.30
CA HIS E 70 -36.76 -16.12 -6.33
C HIS E 70 -36.97 -15.00 -5.32
N ALA E 71 -38.22 -14.75 -4.94
CA ALA E 71 -38.49 -13.70 -3.96
C ALA E 71 -37.87 -14.02 -2.60
N ASN E 72 -37.69 -15.30 -2.28
CA ASN E 72 -37.15 -15.70 -0.99
C ASN E 72 -35.63 -15.89 -1.03
N VAL E 73 -34.99 -15.54 -2.13
CA VAL E 73 -33.54 -15.70 -2.25
C VAL E 73 -32.88 -14.54 -1.52
N LYS E 74 -31.98 -14.85 -0.59
CA LYS E 74 -31.24 -13.83 0.10
C LYS E 74 -29.99 -13.51 -0.69
N GLU E 75 -29.64 -12.22 -0.72
CA GLU E 75 -28.47 -11.78 -1.47
C GLU E 75 -27.21 -12.45 -0.96
N SER E 76 -27.17 -12.81 0.33
CA SER E 76 -25.98 -13.43 0.91
C SER E 76 -25.72 -14.83 0.39
N SER E 77 -26.68 -15.45 -0.30
CA SER E 77 -26.49 -16.81 -0.80
C SER E 77 -25.59 -16.82 -2.03
N PRO E 78 -24.45 -17.51 -2.01
CA PRO E 78 -23.62 -17.62 -3.21
C PRO E 78 -24.16 -18.59 -4.25
N ALA E 79 -25.29 -19.26 -3.97
CA ALA E 79 -25.91 -20.14 -4.96
C ALA E 79 -26.54 -19.35 -6.09
N PHE E 80 -26.79 -18.06 -5.89
CA PHE E 80 -27.49 -17.23 -6.87
C PHE E 80 -26.84 -15.86 -6.95
N PHE E 81 -27.00 -15.23 -8.11
CA PHE E 81 -26.74 -13.80 -8.26
C PHE E 81 -27.95 -13.19 -8.94
N LYS E 82 -28.77 -12.49 -8.15
CA LYS E 82 -29.97 -11.85 -8.66
C LYS E 82 -29.62 -10.72 -9.63
N LEU E 83 -30.40 -10.62 -10.70
CA LEU E 83 -30.17 -9.61 -11.74
C LEU E 83 -31.30 -8.60 -11.76
N HIS E 84 -30.96 -7.35 -12.05
CA HIS E 84 -31.94 -6.31 -12.31
C HIS E 84 -31.26 -5.22 -13.13
N GLU E 85 -32.08 -4.37 -13.73
CA GLU E 85 -31.54 -3.27 -14.53
C GLU E 85 -30.73 -2.33 -13.65
N ASN E 86 -29.60 -1.86 -14.18
CA ASN E 86 -28.77 -0.88 -13.47
C ASN E 86 -29.62 0.29 -13.03
N GLY E 87 -29.64 0.54 -11.72
CA GLY E 87 -30.36 1.67 -11.17
C GLY E 87 -31.87 1.54 -11.17
N VAL E 88 -32.42 0.43 -11.64
CA VAL E 88 -33.86 0.21 -11.65
C VAL E 88 -34.14 -1.13 -10.97
N PRO E 89 -34.06 -1.20 -9.65
CA PRO E 89 -34.18 -2.50 -8.96
C PRO E 89 -35.51 -3.20 -9.18
N ASP E 90 -36.59 -2.47 -9.44
CA ASP E 90 -37.87 -3.12 -9.66
C ASP E 90 -37.92 -3.88 -10.98
N ASN E 91 -36.99 -3.62 -11.89
CA ASN E 91 -36.94 -4.32 -13.18
C ASN E 91 -36.08 -5.56 -13.00
N GLN E 92 -36.67 -6.59 -12.39
CA GLN E 92 -35.94 -7.82 -12.13
C GLN E 92 -35.71 -8.57 -13.43
N LEU E 93 -34.49 -9.07 -13.59
CA LEU E 93 -34.07 -9.73 -14.82
C LEU E 93 -33.65 -11.18 -14.57
N GLY E 94 -34.33 -11.87 -13.66
CA GLY E 94 -33.95 -13.24 -13.36
C GLY E 94 -32.68 -13.30 -12.52
N LEU E 95 -31.99 -14.43 -12.61
CA LEU E 95 -30.76 -14.56 -11.83
C LEU E 95 -29.78 -15.49 -12.52
N ILE E 96 -28.51 -15.38 -12.10
CA ILE E 96 -27.49 -16.34 -12.45
C ILE E 96 -27.59 -17.48 -11.45
N ASN E 97 -27.90 -18.68 -11.94
CA ASN E 97 -28.07 -19.86 -11.09
C ASN E 97 -26.69 -20.49 -10.92
N LEU E 98 -25.89 -19.88 -10.03
CA LEU E 98 -24.53 -20.36 -9.84
C LEU E 98 -24.50 -21.78 -9.32
N LYS E 99 -25.52 -22.19 -8.56
CA LYS E 99 -25.51 -23.53 -7.99
C LYS E 99 -25.51 -24.62 -9.05
N PHE E 100 -25.85 -24.28 -10.30
CA PHE E 100 -25.81 -25.25 -11.39
C PHE E 100 -24.80 -24.87 -12.47
N MET E 101 -23.75 -24.13 -12.10
CA MET E 101 -22.67 -23.87 -13.04
C MET E 101 -21.92 -25.17 -13.34
N ILE E 102 -21.28 -25.21 -14.51
CA ILE E 102 -20.61 -26.43 -14.99
C ILE E 102 -19.30 -26.07 -15.63
N PRO E 103 -18.31 -26.96 -15.50
CA PRO E 103 -17.06 -26.78 -16.26
C PRO E 103 -17.28 -27.17 -17.71
N ILE E 104 -16.52 -26.52 -18.59
CA ILE E 104 -16.77 -26.64 -20.02
C ILE E 104 -15.50 -27.05 -20.76
N ILE E 105 -15.72 -27.67 -21.92
CA ILE E 105 -14.70 -27.82 -22.95
C ILE E 105 -14.97 -26.73 -23.97
N GLU E 106 -13.94 -25.98 -24.36
CA GLU E 106 -14.20 -24.76 -25.13
C GLU E 106 -14.77 -25.11 -26.51
N ALA E 107 -14.41 -26.29 -27.04
CA ALA E 107 -14.99 -26.73 -28.30
C ALA E 107 -16.50 -26.94 -28.22
N GLU E 108 -17.04 -27.12 -27.01
CA GLU E 108 -18.44 -27.44 -26.83
C GLU E 108 -19.27 -26.23 -26.42
N VAL E 109 -18.68 -25.03 -26.40
CA VAL E 109 -19.41 -23.82 -26.08
C VAL E 109 -19.21 -22.82 -27.21
N SER E 110 -20.18 -21.92 -27.37
CA SER E 110 -20.11 -20.88 -28.39
C SER E 110 -20.67 -19.58 -27.84
N LEU E 111 -19.94 -18.49 -28.08
CA LEU E 111 -20.46 -17.18 -27.74
C LEU E 111 -21.76 -16.91 -28.49
N LEU E 112 -22.70 -16.25 -27.82
CA LEU E 112 -23.85 -15.72 -28.54
C LEU E 112 -23.37 -14.68 -29.53
N ASP E 113 -23.95 -14.71 -30.73
CA ASP E 113 -23.55 -13.78 -31.79
C ASP E 113 -24.44 -12.54 -31.70
N LEU E 114 -24.19 -11.76 -30.65
CA LEU E 114 -25.02 -10.59 -30.36
C LEU E 114 -25.03 -9.62 -31.52
N ASP E 115 -23.86 -9.31 -32.07
CA ASP E 115 -23.78 -8.29 -33.11
C ASP E 115 -24.38 -8.73 -34.44
N SER E 116 -24.75 -10.01 -34.58
CA SER E 116 -25.50 -10.46 -35.75
C SER E 116 -26.95 -10.81 -35.45
N MET E 117 -27.31 -11.00 -34.18
CA MET E 117 -28.68 -11.32 -33.82
C MET E 117 -29.60 -10.14 -34.15
N PRO E 118 -30.81 -10.40 -34.63
CA PRO E 118 -31.76 -9.32 -34.93
C PRO E 118 -32.25 -8.64 -33.66
N ASP E 119 -32.69 -7.39 -33.82
CA ASP E 119 -33.20 -6.62 -32.69
C ASP E 119 -34.51 -7.22 -32.19
N THR E 120 -34.52 -7.69 -30.96
CA THR E 120 -35.67 -8.33 -30.36
C THR E 120 -35.79 -7.87 -28.91
N PRO E 121 -36.97 -8.03 -28.30
CA PRO E 121 -37.04 -7.78 -26.85
C PRO E 121 -36.02 -8.59 -26.07
N TYR E 122 -35.80 -9.85 -26.48
CA TYR E 122 -34.81 -10.69 -25.82
C TYR E 122 -33.41 -10.10 -25.90
N LYS E 123 -33.03 -9.56 -27.06
CA LYS E 123 -31.69 -9.00 -27.20
C LYS E 123 -31.51 -7.75 -26.33
N ARG E 124 -32.55 -6.91 -26.27
CA ARG E 124 -32.50 -5.73 -25.42
C ARG E 124 -32.41 -6.12 -23.94
N MET E 125 -33.14 -7.17 -23.55
CA MET E 125 -32.99 -7.70 -22.19
C MET E 125 -31.58 -8.23 -21.96
N LEU E 126 -31.02 -8.95 -22.94
CA LEU E 126 -29.65 -9.44 -22.80
C LEU E 126 -28.70 -8.29 -22.50
N TYR E 127 -28.86 -7.17 -23.21
CA TYR E 127 -27.94 -6.05 -22.99
C TYR E 127 -28.15 -5.40 -21.61
N LYS E 128 -29.42 -5.31 -21.17
CA LYS E 128 -29.67 -4.78 -19.83
C LYS E 128 -29.05 -5.69 -18.77
N GLN E 129 -29.12 -7.00 -18.98
CA GLN E 129 -28.47 -7.94 -18.06
C GLN E 129 -26.95 -7.80 -18.11
N LEU E 130 -26.42 -7.62 -19.32
CA LEU E 130 -24.98 -7.56 -19.51
C LEU E 130 -24.37 -6.38 -18.77
N GLN E 131 -25.01 -5.21 -18.82
CA GLN E 131 -24.46 -4.06 -18.11
C GLN E 131 -24.36 -4.35 -16.61
N PHE E 132 -25.43 -4.89 -16.04
CA PHE E 132 -25.44 -5.21 -14.60
C PHE E 132 -24.39 -6.26 -14.26
N ILE E 133 -24.21 -7.26 -15.13
CA ILE E 133 -23.23 -8.30 -14.86
C ILE E 133 -21.83 -7.74 -14.93
N ARG E 134 -21.54 -6.95 -15.96
CA ARG E 134 -20.23 -6.35 -16.11
C ARG E 134 -19.87 -5.51 -14.89
N VAL E 135 -20.83 -4.74 -14.39
CA VAL E 135 -20.54 -3.90 -13.23
C VAL E 135 -20.28 -4.76 -11.98
N ASN E 136 -20.85 -5.96 -11.94
CA ASN E 136 -20.78 -6.83 -10.77
C ASN E 136 -19.91 -8.06 -10.98
N GLU E 137 -19.01 -8.01 -11.98
CA GLU E 137 -18.21 -9.18 -12.34
C GLU E 137 -17.43 -9.73 -11.16
N ASP E 138 -16.82 -8.84 -10.37
CA ASP E 138 -16.01 -9.29 -9.25
C ASP E 138 -16.87 -9.98 -8.19
N LYS E 139 -18.03 -9.39 -7.89
CA LYS E 139 -18.96 -10.03 -6.97
C LYS E 139 -19.38 -11.41 -7.47
N ILE E 140 -19.66 -11.52 -8.77
CA ILE E 140 -20.10 -12.80 -9.34
C ILE E 140 -19.00 -13.84 -9.22
N SER E 141 -17.75 -13.45 -9.50
CA SER E 141 -16.65 -14.39 -9.37
C SER E 141 -16.44 -14.81 -7.92
N GLU E 142 -16.57 -13.85 -6.99
CA GLU E 142 -16.41 -14.19 -5.58
C GLU E 142 -17.47 -15.18 -5.14
N LYS E 143 -18.72 -14.94 -5.54
CA LYS E 143 -19.79 -15.88 -5.19
C LYS E 143 -19.56 -17.24 -5.83
N SER E 144 -19.06 -17.28 -7.06
CA SER E 144 -18.82 -18.56 -7.72
C SER E 144 -17.76 -19.36 -6.97
N LYS E 145 -16.64 -18.72 -6.64
CA LYS E 145 -15.57 -19.38 -5.91
C LYS E 145 -16.08 -19.88 -4.55
N LEU E 146 -16.79 -19.02 -3.82
CA LEU E 146 -17.31 -19.40 -2.51
C LEU E 146 -18.31 -20.55 -2.61
N LEU E 147 -19.20 -20.50 -3.59
CA LEU E 147 -20.19 -21.54 -3.75
C LEU E 147 -19.54 -22.88 -4.04
N ARG E 148 -18.59 -22.91 -4.97
CA ARG E 148 -17.89 -24.16 -5.25
C ARG E 148 -17.17 -24.67 -4.01
N ASN E 149 -16.49 -23.78 -3.28
CA ASN E 149 -15.75 -24.19 -2.09
C ASN E 149 -16.67 -24.79 -1.03
N LEU E 150 -17.79 -24.12 -0.75
CA LEU E 150 -18.72 -24.63 0.26
C LEU E 150 -19.40 -25.92 -0.21
N ALA E 151 -19.75 -25.99 -1.49
CA ALA E 151 -20.39 -27.20 -2.01
C ALA E 151 -19.47 -28.41 -1.90
N LEU E 152 -18.19 -28.22 -2.21
CA LEU E 152 -17.26 -29.34 -2.10
C LEU E 152 -17.14 -29.85 -0.68
N GLN E 153 -17.27 -28.96 0.32
CA GLN E 153 -17.22 -29.36 1.72
C GLN E 153 -18.56 -29.84 2.25
N GLY E 154 -19.57 -29.95 1.39
CA GLY E 154 -20.90 -30.35 1.81
C GLY E 154 -21.64 -29.30 2.61
N ARG E 155 -21.25 -28.03 2.49
CA ARG E 155 -21.87 -26.95 3.23
C ARG E 155 -22.83 -26.14 2.39
N MET E 156 -22.95 -26.44 1.09
CA MET E 156 -24.14 -26.08 0.32
C MET E 156 -24.92 -27.35 -0.04
N GLN E 157 -26.24 -27.19 -0.18
CA GLN E 157 -27.19 -28.26 -0.50
C GLN E 157 -27.83 -28.11 -1.87
N GLY E 158 -27.78 -29.23 -2.59
CA GLY E 158 -28.36 -29.43 -3.89
C GLY E 158 -27.81 -28.59 -5.01
N THR E 159 -26.49 -28.35 -5.03
CA THR E 159 -25.84 -27.74 -6.18
C THR E 159 -25.43 -28.85 -7.15
N CYS E 160 -24.72 -28.49 -8.22
CA CYS E 160 -24.16 -29.50 -9.11
C CYS E 160 -23.00 -30.19 -8.40
N ASP E 161 -22.63 -31.38 -8.91
CA ASP E 161 -21.63 -32.21 -8.25
C ASP E 161 -20.27 -31.85 -8.83
N PHE E 162 -19.68 -30.78 -8.28
CA PHE E 162 -18.49 -30.19 -8.89
C PHE E 162 -17.32 -31.16 -8.92
N ALA E 163 -17.18 -32.00 -7.88
CA ALA E 163 -16.10 -32.97 -7.88
C ALA E 163 -16.27 -33.97 -9.02
N VAL E 164 -17.48 -34.52 -9.17
CA VAL E 164 -17.72 -35.51 -10.21
C VAL E 164 -17.62 -34.88 -11.59
N LEU E 165 -18.20 -33.70 -11.77
CA LEU E 165 -18.12 -33.03 -13.06
C LEU E 165 -16.68 -32.72 -13.43
N GLU E 166 -15.88 -32.24 -12.46
CA GLU E 166 -14.49 -31.94 -12.74
C GLU E 166 -13.67 -33.20 -12.98
N GLU E 167 -14.09 -34.34 -12.42
CA GLU E 167 -13.41 -35.59 -12.70
C GLU E 167 -13.73 -36.12 -14.09
N LYS E 168 -14.96 -35.91 -14.57
CA LYS E 168 -15.44 -36.62 -15.74
C LYS E 168 -15.49 -35.79 -17.03
N TYR E 169 -15.59 -34.46 -16.95
CA TYR E 169 -15.93 -33.67 -18.14
C TYR E 169 -14.89 -33.81 -19.23
N GLN E 170 -13.61 -33.93 -18.88
CA GLN E 170 -12.59 -33.98 -19.91
C GLN E 170 -12.59 -35.28 -20.69
N HIS E 171 -13.35 -36.30 -20.26
CA HIS E 171 -13.46 -37.54 -21.02
C HIS E 171 -14.51 -37.47 -22.12
N PHE E 172 -15.08 -36.29 -22.37
CA PHE E 172 -16.03 -36.14 -23.46
C PHE E 172 -15.33 -36.33 -24.79
N GLY E 173 -15.89 -37.17 -25.65
CA GLY E 173 -15.28 -37.42 -26.93
C GLY E 173 -14.05 -38.30 -26.91
N LYS E 174 -13.66 -38.82 -25.74
CA LYS E 174 -12.46 -39.64 -25.63
C LYS E 174 -12.82 -41.08 -25.29
N MET G 12 16.18 16.45 14.87
CA MET G 12 16.60 15.06 15.04
C MET G 12 18.12 14.92 14.83
N ALA G 13 18.78 14.16 15.72
CA ALA G 13 20.21 13.89 15.66
C ALA G 13 21.02 15.20 15.66
N LYS G 14 20.89 15.94 16.76
CA LYS G 14 21.66 17.14 17.03
C LYS G 14 22.21 17.06 18.44
N PHE G 15 23.41 17.64 18.64
CA PHE G 15 24.05 17.68 19.95
C PHE G 15 23.64 18.93 20.73
N PHE G 16 23.32 18.74 22.01
CA PHE G 16 22.88 19.81 22.89
C PHE G 16 23.67 19.79 24.19
N THR G 17 23.73 20.95 24.83
CA THR G 17 24.03 21.08 26.24
C THR G 17 22.76 21.56 26.92
N ILE G 18 22.68 21.31 28.22
CA ILE G 18 21.50 21.66 29.00
C ILE G 18 21.96 22.49 30.18
N SER G 19 21.23 23.57 30.46
CA SER G 19 21.63 24.49 31.52
C SER G 19 21.76 23.78 32.86
N SER G 20 22.78 24.17 33.63
CA SER G 20 23.04 23.55 34.92
C SER G 20 21.87 23.76 35.88
N SER G 21 21.21 24.91 35.79
CA SER G 21 20.09 25.19 36.68
C SER G 21 18.92 24.27 36.41
N TYR G 22 18.62 24.01 35.14
CA TYR G 22 17.54 23.07 34.81
C TYR G 22 17.87 21.67 35.29
N ILE G 23 19.11 21.22 35.08
CA ILE G 23 19.52 19.89 35.52
C ILE G 23 19.36 19.76 37.04
N LYS G 24 19.83 20.75 37.78
CA LYS G 24 19.69 20.69 39.24
C LYS G 24 18.22 20.72 39.66
N TYR G 25 17.41 21.51 38.95
CA TYR G 25 15.98 21.55 39.24
C TYR G 25 15.36 20.17 39.08
N LEU G 26 15.62 19.50 37.95
CA LEU G 26 15.07 18.17 37.74
C LEU G 26 15.63 17.18 38.76
N LYS G 27 16.91 17.32 39.10
CA LYS G 27 17.54 16.44 40.07
C LYS G 27 16.86 16.51 41.42
N ASP G 28 16.27 17.66 41.75
CA ASP G 28 15.54 17.76 43.01
C ASP G 28 14.43 16.72 43.12
N PHE G 29 13.85 16.32 41.98
CA PHE G 29 12.75 15.37 41.94
C PHE G 29 13.16 13.96 41.54
N ASP G 30 14.33 13.78 40.92
CA ASP G 30 14.74 12.47 40.44
C ASP G 30 16.26 12.46 40.40
N ASP G 31 16.89 11.74 41.35
CA ASP G 31 18.34 11.77 41.46
C ASP G 31 19.04 11.03 40.33
N LYS G 32 18.32 10.36 39.45
CA LYS G 32 18.95 9.69 38.33
C LYS G 32 19.14 10.59 37.12
N VAL G 33 18.60 11.80 37.15
CA VAL G 33 18.87 12.81 36.12
C VAL G 33 20.38 12.91 35.96
N PRO G 34 20.90 12.90 34.74
CA PRO G 34 22.36 12.77 34.57
C PRO G 34 23.12 13.88 35.25
N ASN G 35 24.26 13.53 35.84
CA ASN G 35 25.17 14.55 36.32
C ASN G 35 25.63 15.39 35.13
N SER G 36 25.53 16.70 35.27
CA SER G 36 25.99 17.57 34.22
C SER G 36 27.27 18.28 34.61
N GLU G 37 27.63 18.27 35.90
CA GLU G 37 28.82 18.99 36.31
C GLU G 37 29.70 18.10 37.18
N ASP G 38 31.00 18.22 36.96
CA ASP G 38 32.03 17.45 37.62
C ASP G 38 33.37 18.06 37.25
N PRO G 39 34.26 18.31 38.22
CA PRO G 39 35.59 18.83 37.89
C PRO G 39 36.39 17.93 36.96
N THR G 40 36.10 16.63 36.92
CA THR G 40 36.82 15.70 36.05
C THR G 40 36.45 15.83 34.56
N TYR G 41 35.34 16.49 34.25
CA TYR G 41 34.88 16.62 32.87
C TYR G 41 35.79 17.53 32.05
N ASN G 42 36.26 17.04 30.89
CA ASN G 42 37.01 17.91 29.99
C ASN G 42 36.10 18.84 29.20
N ASN G 43 34.94 18.34 28.80
CA ASN G 43 33.93 19.08 28.06
C ASN G 43 32.62 18.99 28.82
N PRO G 44 31.66 19.86 28.52
CA PRO G 44 30.34 19.71 29.12
C PRO G 44 29.69 18.40 28.71
N LYS G 45 28.74 17.95 29.53
CA LYS G 45 27.98 16.76 29.22
C LYS G 45 27.15 16.99 27.96
N ALA G 46 27.39 16.18 26.94
CA ALA G 46 26.65 16.28 25.69
C ALA G 46 25.38 15.44 25.71
N PHE G 47 24.32 15.99 25.14
CA PHE G 47 23.05 15.30 24.96
C PHE G 47 22.75 15.21 23.47
N ILE G 48 22.02 14.17 23.08
CA ILE G 48 21.56 14.03 21.70
C ILE G 48 20.04 14.20 21.68
N GLY G 49 19.53 14.83 20.63
CA GLY G 49 18.10 15.04 20.56
C GLY G 49 17.69 15.55 19.20
N ILE G 50 16.38 15.68 19.01
CA ILE G 50 15.37 15.25 19.99
C ILE G 50 15.07 13.77 19.76
N VAL G 51 15.25 12.93 20.79
CA VAL G 51 15.08 11.50 20.60
C VAL G 51 13.62 11.07 20.67
N LEU G 52 12.77 11.84 21.34
CA LEU G 52 11.35 11.47 21.46
C LEU G 52 10.53 12.73 21.66
N GLU G 53 9.41 12.80 20.96
CA GLU G 53 8.42 13.87 21.16
C GLU G 53 7.08 13.20 21.37
N ILE G 54 6.57 13.27 22.59
CA ILE G 54 5.33 12.56 22.94
C ILE G 54 4.58 13.34 24.00
N GLU G 55 3.28 13.53 23.79
CA GLU G 55 2.39 14.22 24.73
C GLU G 55 2.92 15.60 25.09
N GLY G 56 3.48 16.30 24.10
CA GLY G 56 4.02 17.62 24.28
C GLY G 56 5.42 17.66 24.89
N HIS G 57 5.99 16.51 25.25
CA HIS G 57 7.32 16.45 25.84
C HIS G 57 8.38 16.16 24.78
N LYS G 58 9.45 16.94 24.80
CA LYS G 58 10.62 16.72 23.96
C LYS G 58 11.75 16.20 24.84
N TYR G 59 12.38 15.11 24.41
CA TYR G 59 13.38 14.41 25.21
C TYR G 59 14.78 14.54 24.60
N LEU G 60 15.77 14.77 25.47
CA LEU G 60 17.17 14.71 25.11
C LEU G 60 17.82 13.61 25.93
N ALA G 61 18.74 12.88 25.30
CA ALA G 61 19.37 11.76 25.98
C ALA G 61 20.86 11.99 26.17
N PRO G 62 21.40 11.63 27.32
CA PRO G 62 22.82 11.88 27.58
C PRO G 62 23.73 10.92 26.83
N LEU G 63 24.87 11.43 26.39
CA LEU G 63 25.92 10.57 25.86
C LEU G 63 26.85 10.18 27.00
N THR G 64 27.50 9.03 26.87
CA THR G 64 28.45 8.62 27.88
C THR G 64 29.60 7.86 27.23
N SER G 65 30.80 8.10 27.76
CA SER G 65 32.01 7.52 27.25
C SER G 65 32.09 6.04 27.64
N PRO G 66 32.96 5.26 27.01
CA PRO G 66 32.98 3.82 27.26
C PRO G 66 33.27 3.48 28.72
N LYS G 67 32.58 2.42 29.19
CA LYS G 67 32.88 1.76 30.45
C LYS G 67 32.95 0.27 30.20
N ALA G 68 33.67 -0.45 31.07
CA ALA G 68 33.86 -1.88 30.88
C ALA G 68 32.52 -2.62 30.81
N TRP G 69 31.59 -2.27 31.70
CA TRP G 69 30.32 -2.98 31.76
C TRP G 69 29.48 -2.79 30.49
N HIS G 70 29.81 -1.81 29.65
CA HIS G 70 29.14 -1.69 28.35
C HIS G 70 29.28 -2.95 27.52
N ALA G 71 30.29 -3.78 27.79
CA ALA G 71 30.40 -5.04 27.05
C ALA G 71 29.18 -5.91 27.25
N ASN G 72 28.46 -5.74 28.36
CA ASN G 72 27.29 -6.57 28.65
C ASN G 72 26.00 -5.97 28.10
N VAL G 73 26.08 -4.89 27.33
CA VAL G 73 24.88 -4.26 26.79
C VAL G 73 24.42 -5.05 25.57
N LYS G 74 23.18 -5.51 25.60
CA LYS G 74 22.58 -6.19 24.47
C LYS G 74 21.83 -5.19 23.59
N GLU G 75 21.85 -5.44 22.27
CA GLU G 75 21.20 -4.55 21.33
C GLU G 75 19.70 -4.43 21.60
N SER G 76 19.08 -5.49 22.14
CA SER G 76 17.65 -5.49 22.36
C SER G 76 17.18 -4.57 23.48
N SER G 77 18.08 -4.07 24.31
CA SER G 77 17.66 -3.21 25.42
C SER G 77 17.39 -1.79 24.93
N PRO G 78 16.17 -1.27 25.11
CA PRO G 78 15.91 0.13 24.75
C PRO G 78 16.51 1.13 25.71
N ALA G 79 17.16 0.65 26.78
CA ALA G 79 17.82 1.55 27.72
C ALA G 79 19.08 2.17 27.15
N PHE G 80 19.66 1.58 26.09
CA PHE G 80 20.92 2.07 25.57
C PHE G 80 20.88 2.05 24.04
N PHE G 81 21.67 2.91 23.44
CA PHE G 81 22.03 2.77 22.03
C PHE G 81 23.54 2.88 21.92
N LYS G 82 24.22 1.75 21.74
CA LYS G 82 25.67 1.71 21.63
C LYS G 82 26.12 2.43 20.37
N LEU G 83 27.23 3.16 20.48
CA LEU G 83 27.76 3.94 19.38
C LEU G 83 29.10 3.39 18.91
N HIS G 84 29.31 3.43 17.59
CA HIS G 84 30.61 3.11 17.02
C HIS G 84 30.68 3.76 15.65
N GLU G 85 31.90 3.86 15.12
CA GLU G 85 32.11 4.46 13.82
C GLU G 85 31.45 3.63 12.72
N ASN G 86 30.83 4.32 11.76
CA ASN G 86 30.23 3.68 10.60
C ASN G 86 31.24 2.76 9.92
N GLY G 87 30.90 1.48 9.83
CA GLY G 87 31.73 0.50 9.15
C GLY G 87 32.99 0.11 9.89
N VAL G 88 33.23 0.62 11.09
CA VAL G 88 34.40 0.25 11.88
C VAL G 88 33.91 -0.15 13.27
N PRO G 89 33.36 -1.36 13.43
CA PRO G 89 32.75 -1.73 14.72
C PRO G 89 33.71 -1.69 15.89
N ASP G 90 35.01 -1.87 15.66
CA ASP G 90 35.99 -1.85 16.74
C ASP G 90 36.19 -0.46 17.33
N ASN G 91 35.79 0.61 16.63
CA ASN G 91 35.96 1.97 17.13
C ASN G 91 34.71 2.34 17.94
N GLN G 92 34.69 1.84 19.18
CA GLN G 92 33.55 2.09 20.06
C GLN G 92 33.54 3.56 20.50
N LEU G 93 32.36 4.16 20.44
CA LEU G 93 32.19 5.58 20.74
C LEU G 93 31.24 5.81 21.90
N GLY G 94 31.27 4.93 22.91
CA GLY G 94 30.38 5.10 24.03
C GLY G 94 28.96 4.73 23.66
N LEU G 95 27.99 5.32 24.35
CA LEU G 95 26.60 5.02 24.05
C LEU G 95 25.70 6.20 24.40
N ILE G 96 24.50 6.16 23.84
CA ILE G 96 23.40 7.01 24.26
C ILE G 96 22.70 6.32 25.41
N ASN G 97 22.71 6.95 26.59
CA ASN G 97 22.09 6.39 27.80
C ASN G 97 20.63 6.83 27.82
N LEU G 98 19.82 6.13 27.03
CA LEU G 98 18.41 6.50 26.88
C LEU G 98 17.66 6.39 28.19
N LYS G 99 18.06 5.47 29.08
CA LYS G 99 17.33 5.30 30.33
C LYS G 99 17.39 6.54 31.20
N PHE G 100 18.31 7.46 30.95
CA PHE G 100 18.40 8.70 31.72
C PHE G 100 18.09 9.90 30.84
N MET G 101 17.30 9.71 29.80
CA MET G 101 16.82 10.86 29.04
C MET G 101 15.86 11.67 29.89
N ILE G 102 15.71 12.94 29.53
CA ILE G 102 14.90 13.87 30.31
C ILE G 102 14.10 14.76 29.37
N PRO G 103 12.91 15.17 29.81
CA PRO G 103 12.17 16.18 29.06
C PRO G 103 12.78 17.55 29.29
N ILE G 104 12.68 18.42 28.28
CA ILE G 104 13.41 19.68 28.31
C ILE G 104 12.46 20.86 28.11
N ILE G 105 12.92 22.00 28.61
CA ILE G 105 12.41 23.31 28.23
C ILE G 105 13.36 23.86 27.18
N GLU G 106 12.83 24.29 26.04
CA GLU G 106 13.71 24.69 24.94
C GLU G 106 14.64 25.83 25.35
N ALA G 107 14.12 26.77 26.14
CA ALA G 107 14.94 27.88 26.62
C ALA G 107 16.12 27.41 27.46
N GLU G 108 16.08 26.20 28.00
CA GLU G 108 17.11 25.71 28.89
C GLU G 108 18.11 24.79 28.20
N VAL G 109 18.01 24.61 26.89
CA VAL G 109 18.97 23.79 26.15
C VAL G 109 19.57 24.62 25.03
N SER G 110 20.79 24.25 24.62
CA SER G 110 21.49 24.95 23.56
C SER G 110 22.17 23.95 22.66
N LEU G 111 22.04 24.14 21.34
CA LEU G 111 22.79 23.32 20.40
C LEU G 111 24.29 23.49 20.63
N LEU G 112 25.03 22.38 20.51
CA LEU G 112 26.48 22.46 20.43
C LEU G 112 26.84 23.25 19.20
N ASP G 113 27.87 24.07 19.33
CA ASP G 113 28.10 25.08 18.32
C ASP G 113 29.25 24.56 17.44
N LEU G 114 28.93 23.44 16.77
CA LEU G 114 29.93 22.62 16.09
C LEU G 114 30.71 23.38 15.02
N ASP G 115 30.03 24.19 14.20
CA ASP G 115 30.72 24.78 13.06
C ASP G 115 31.75 25.84 13.48
N SER G 116 31.62 26.41 14.67
CA SER G 116 32.60 27.38 15.17
C SER G 116 33.59 26.76 16.15
N MET G 117 33.34 25.56 16.64
CA MET G 117 34.26 24.95 17.57
C MET G 117 35.60 24.72 16.88
N PRO G 118 36.71 24.92 17.58
CA PRO G 118 38.02 24.68 16.96
C PRO G 118 38.23 23.21 16.69
N ASP G 119 39.12 22.94 15.72
CA ASP G 119 39.41 21.56 15.36
C ASP G 119 40.15 20.89 16.51
N THR G 120 39.54 19.89 17.12
CA THR G 120 40.08 19.14 18.25
C THR G 120 39.74 17.67 18.04
N PRO G 121 40.44 16.77 18.74
CA PRO G 121 40.01 15.36 18.71
C PRO G 121 38.56 15.18 19.14
N TYR G 122 38.12 15.94 20.15
CA TYR G 122 36.74 15.83 20.62
C TYR G 122 35.75 16.13 19.51
N LYS G 123 36.01 17.17 18.72
CA LYS G 123 35.10 17.54 17.64
C LYS G 123 35.05 16.46 16.57
N ARG G 124 36.21 15.90 16.21
CA ARG G 124 36.24 14.80 15.24
C ARG G 124 35.48 13.59 15.74
N MET G 125 35.62 13.27 17.03
CA MET G 125 34.82 12.19 17.60
C MET G 125 33.34 12.50 17.52
N LEU G 126 32.97 13.75 17.82
CA LEU G 126 31.58 14.18 17.70
C LEU G 126 31.04 13.91 16.29
N TYR G 127 31.85 14.19 15.27
CA TYR G 127 31.35 13.99 13.89
C TYR G 127 31.24 12.49 13.56
N LYS G 128 32.17 11.68 14.06
CA LYS G 128 32.05 10.24 13.86
C LYS G 128 30.80 9.70 14.54
N GLN G 129 30.49 10.22 15.73
CA GLN G 129 29.25 9.85 16.41
C GLN G 129 28.03 10.36 15.65
N LEU G 130 28.12 11.57 15.11
CA LEU G 130 26.96 12.17 14.46
C LEU G 130 26.53 11.37 13.25
N GLN G 131 27.49 10.89 12.46
CA GLN G 131 27.14 10.09 11.29
C GLN G 131 26.39 8.82 11.69
N PHE G 132 26.92 8.09 12.67
CA PHE G 132 26.27 6.85 13.11
C PHE G 132 24.88 7.12 13.69
N ILE G 133 24.75 8.22 14.44
CA ILE G 133 23.45 8.55 15.04
C ILE G 133 22.45 8.93 13.96
N ARG G 134 22.88 9.74 12.99
CA ARG G 134 22.02 10.13 11.88
C ARG G 134 21.52 8.90 11.13
N VAL G 135 22.42 7.95 10.86
CA VAL G 135 22.01 6.77 10.13
C VAL G 135 21.00 5.94 10.93
N ASN G 136 21.04 6.03 12.26
CA ASN G 136 20.17 5.21 13.11
C ASN G 136 19.09 6.02 13.84
N GLU G 137 18.82 7.25 13.40
CA GLU G 137 17.91 8.12 14.15
C GLU G 137 16.54 7.47 14.36
N ASP G 138 16.01 6.79 13.33
CA ASP G 138 14.70 6.16 13.50
C ASP G 138 14.75 5.06 14.55
N LYS G 139 15.80 4.22 14.51
CA LYS G 139 15.99 3.18 15.52
C LYS G 139 16.11 3.80 16.92
N ILE G 140 16.87 4.88 17.06
CA ILE G 140 17.04 5.52 18.36
C ILE G 140 15.72 6.05 18.88
N SER G 141 14.93 6.65 17.99
CA SER G 141 13.63 7.17 18.38
C SER G 141 12.67 6.06 18.81
N GLU G 142 12.67 4.95 18.07
CA GLU G 142 11.82 3.82 18.44
C GLU G 142 12.24 3.23 19.78
N LYS G 143 13.55 3.12 20.03
CA LYS G 143 14.02 2.65 21.32
C LYS G 143 13.62 3.61 22.43
N SER G 144 13.67 4.91 22.18
CA SER G 144 13.28 5.89 23.19
C SER G 144 11.81 5.74 23.56
N LYS G 145 10.94 5.63 22.54
CA LYS G 145 9.52 5.46 22.80
C LYS G 145 9.27 4.18 23.59
N LEU G 146 9.88 3.06 23.15
CA LEU G 146 9.68 1.79 23.84
C LEU G 146 10.18 1.85 25.28
N LEU G 147 11.34 2.46 25.48
CA LEU G 147 11.91 2.55 26.82
C LEU G 147 11.00 3.34 27.74
N ARG G 148 10.53 4.50 27.29
CA ARG G 148 9.62 5.28 28.12
C ARG G 148 8.35 4.49 28.42
N ASN G 149 7.79 3.82 27.41
CA ASN G 149 6.54 3.09 27.64
C ASN G 149 6.74 1.98 28.68
N LEU G 150 7.81 1.19 28.55
CA LEU G 150 8.07 0.11 29.48
C LEU G 150 8.41 0.63 30.87
N ALA G 151 9.18 1.73 30.94
CA ALA G 151 9.54 2.29 32.23
C ALA G 151 8.31 2.77 32.99
N LEU G 152 7.39 3.43 32.29
CA LEU G 152 6.20 3.93 32.96
C LEU G 152 5.37 2.79 33.56
N GLN G 153 5.38 1.62 32.92
CA GLN G 153 4.67 0.45 33.44
C GLN G 153 5.47 -0.35 34.46
N GLY G 154 6.67 0.10 34.84
CA GLY G 154 7.49 -0.64 35.78
C GLY G 154 8.07 -1.91 35.20
N ARG G 155 8.28 -1.95 33.90
CA ARG G 155 8.85 -3.12 33.22
C ARG G 155 10.32 -2.94 32.89
N MET G 156 10.91 -1.90 33.43
CA MET G 156 12.24 -1.45 33.16
C MET G 156 12.86 -1.15 34.48
N GLN G 157 14.15 -1.20 34.53
CA GLN G 157 14.74 -1.11 35.85
C GLN G 157 15.75 0.04 35.92
N GLY G 158 15.56 0.89 36.93
CA GLY G 158 16.44 2.01 37.24
C GLY G 158 16.59 3.13 36.21
N THR G 159 15.51 3.47 35.51
CA THR G 159 15.56 4.58 34.57
C THR G 159 15.20 5.87 35.30
N CYS G 160 15.10 6.96 34.55
CA CYS G 160 14.62 8.18 35.13
C CYS G 160 13.11 8.05 35.38
N ASP G 161 12.60 8.90 36.27
CA ASP G 161 11.20 8.81 36.69
C ASP G 161 10.39 9.70 35.75
N PHE G 162 10.05 9.13 34.59
CA PHE G 162 9.49 9.93 33.50
C PHE G 162 8.15 10.55 33.91
N ALA G 163 7.35 9.85 34.71
CA ALA G 163 6.08 10.41 35.16
C ALA G 163 6.31 11.65 36.02
N VAL G 164 7.20 11.54 37.02
CA VAL G 164 7.46 12.67 37.91
C VAL G 164 8.12 13.81 37.15
N LEU G 165 9.09 13.49 36.29
CA LEU G 165 9.76 14.52 35.51
C LEU G 165 8.77 15.25 34.61
N GLU G 166 7.86 14.50 33.97
CA GLU G 166 6.87 15.12 33.09
C GLU G 166 5.84 15.92 33.89
N GLU G 167 5.63 15.54 35.15
CA GLU G 167 4.73 16.32 36.00
C GLU G 167 5.38 17.62 36.45
N LYS G 168 6.70 17.63 36.67
CA LYS G 168 7.35 18.73 37.36
C LYS G 168 8.16 19.67 36.48
N TYR G 169 8.65 19.22 35.32
CA TYR G 169 9.66 19.99 34.60
C TYR G 169 9.14 21.35 34.14
N GLN G 170 7.86 21.44 33.80
CA GLN G 170 7.34 22.72 33.33
C GLN G 170 7.20 23.75 34.45
N HIS G 171 7.34 23.35 35.70
CA HIS G 171 7.30 24.30 36.81
C HIS G 171 8.66 24.91 37.08
N PHE G 172 9.64 24.67 36.21
CA PHE G 172 10.96 25.28 36.37
C PHE G 172 10.84 26.79 36.15
N GLY G 173 11.44 27.55 37.08
CA GLY G 173 11.46 28.99 37.04
C GLY G 173 10.14 29.66 37.38
N LYS G 174 9.08 28.89 37.59
CA LYS G 174 7.79 29.47 37.90
C LYS G 174 7.59 29.30 39.39
N MET I 12 1.42 -25.58 11.45
CA MET I 12 2.47 -25.54 10.45
C MET I 12 3.83 -26.01 11.00
N ALA I 13 4.53 -26.82 10.20
CA ALA I 13 5.87 -27.34 10.53
C ALA I 13 5.87 -28.14 11.83
N LYS I 14 5.13 -29.24 11.82
CA LYS I 14 5.12 -30.22 12.90
C LYS I 14 5.30 -31.62 12.31
N PHE I 15 5.99 -32.49 13.06
CA PHE I 15 6.23 -33.87 12.66
C PHE I 15 5.11 -34.77 13.16
N PHE I 16 4.63 -35.66 12.28
CA PHE I 16 3.54 -36.58 12.53
C PHE I 16 3.92 -37.99 12.08
N THR I 17 3.23 -38.97 12.66
CA THR I 17 3.08 -40.30 12.12
C THR I 17 1.63 -40.52 11.74
N ILE I 18 1.39 -41.49 10.84
CA ILE I 18 0.06 -41.80 10.35
C ILE I 18 -0.19 -43.29 10.54
N SER I 19 -1.41 -43.63 11.01
CA SER I 19 -1.75 -45.02 11.32
C SER I 19 -1.60 -45.92 10.11
N SER I 20 -1.14 -47.15 10.36
CA SER I 20 -0.90 -48.10 9.28
C SER I 20 -2.19 -48.48 8.55
N SER I 21 -3.29 -48.60 9.28
CA SER I 21 -4.55 -48.99 8.62
C SER I 21 -5.05 -47.89 7.70
N TYR I 22 -4.89 -46.62 8.10
CA TYR I 22 -5.26 -45.52 7.21
C TYR I 22 -4.40 -45.56 5.94
N ILE I 23 -3.10 -45.80 6.09
CA ILE I 23 -2.22 -45.89 4.93
C ILE I 23 -2.65 -47.04 4.02
N LYS I 24 -3.08 -48.15 4.61
CA LYS I 24 -3.57 -49.29 3.84
C LYS I 24 -4.82 -48.91 3.05
N TYR I 25 -5.80 -48.33 3.74
CA TYR I 25 -7.03 -47.88 3.10
C TYR I 25 -6.73 -46.96 1.92
N LEU I 26 -5.89 -45.95 2.13
CA LEU I 26 -5.59 -45.03 1.03
C LEU I 26 -4.83 -45.73 -0.10
N LYS I 27 -3.92 -46.65 0.24
CA LYS I 27 -3.17 -47.37 -0.78
C LYS I 27 -4.09 -48.18 -1.67
N ASP I 28 -5.24 -48.60 -1.14
CA ASP I 28 -6.19 -49.34 -1.97
C ASP I 28 -6.64 -48.54 -3.19
N PHE I 29 -6.66 -47.20 -3.09
CA PHE I 29 -7.09 -46.37 -4.20
C PHE I 29 -5.94 -45.77 -4.99
N ASP I 30 -4.74 -45.71 -4.41
CA ASP I 30 -3.60 -45.08 -5.06
C ASP I 30 -2.34 -45.70 -4.48
N ASP I 31 -1.69 -46.56 -5.27
CA ASP I 31 -0.52 -47.30 -4.79
C ASP I 31 0.71 -46.42 -4.58
N LYS I 32 0.66 -45.14 -4.91
CA LYS I 32 1.80 -44.27 -4.69
C LYS I 32 1.82 -43.64 -3.30
N VAL I 33 0.77 -43.85 -2.52
CA VAL I 33 0.74 -43.47 -1.10
C VAL I 33 1.97 -44.05 -0.42
N PRO I 34 2.66 -43.30 0.44
CA PRO I 34 3.95 -43.76 0.97
C PRO I 34 3.83 -45.08 1.71
N ASN I 35 4.87 -45.91 1.53
CA ASN I 35 5.01 -47.14 2.30
C ASN I 35 5.09 -46.83 3.78
N SER I 36 4.36 -47.62 4.57
CA SER I 36 4.37 -47.49 6.02
C SER I 36 5.17 -48.60 6.69
N GLU I 37 5.44 -49.69 5.98
CA GLU I 37 6.16 -50.83 6.53
C GLU I 37 7.33 -51.16 5.63
N ASP I 38 8.46 -51.44 6.26
CA ASP I 38 9.70 -51.81 5.58
C ASP I 38 10.66 -52.28 6.66
N PRO I 39 11.22 -53.49 6.53
CA PRO I 39 12.14 -53.97 7.58
C PRO I 39 13.38 -53.09 7.73
N THR I 40 13.76 -52.33 6.70
CA THR I 40 14.90 -51.45 6.78
C THR I 40 14.64 -50.17 7.58
N TYR I 41 13.38 -49.82 7.84
CA TYR I 41 13.09 -48.58 8.56
C TYR I 41 13.54 -48.69 10.02
N ASN I 42 14.40 -47.76 10.45
CA ASN I 42 14.78 -47.68 11.86
C ASN I 42 13.72 -46.97 12.69
N ASN I 43 13.08 -45.97 12.13
CA ASN I 43 12.04 -45.20 12.78
C ASN I 43 10.80 -45.24 11.89
N PRO I 44 9.63 -44.90 12.44
CA PRO I 44 8.44 -44.80 11.59
C PRO I 44 8.63 -43.71 10.53
N LYS I 45 7.86 -43.83 9.46
CA LYS I 45 7.87 -42.81 8.42
C LYS I 45 7.34 -41.50 8.98
N ALA I 46 8.17 -40.46 8.95
CA ALA I 46 7.78 -39.15 9.45
C ALA I 46 7.13 -38.31 8.36
N PHE I 47 6.09 -37.57 8.74
CA PHE I 47 5.42 -36.63 7.86
C PHE I 47 5.53 -35.22 8.45
N ILE I 48 5.53 -34.21 7.60
CA ILE I 48 5.52 -32.83 8.05
C ILE I 48 4.17 -32.23 7.68
N GLY I 49 3.63 -31.40 8.56
CA GLY I 49 2.34 -30.79 8.29
C GLY I 49 2.01 -29.70 9.29
N ILE I 50 0.89 -29.04 9.04
CA ILE I 50 0.06 -29.25 7.87
C ILE I 50 0.60 -28.42 6.70
N VAL I 51 0.97 -29.06 5.59
CA VAL I 51 1.60 -28.31 4.51
C VAL I 51 0.59 -27.60 3.63
N LEU I 52 -0.65 -28.08 3.59
CA LEU I 52 -1.67 -27.49 2.75
C LEU I 52 -3.03 -27.80 3.35
N GLU I 53 -3.90 -26.80 3.39
CA GLU I 53 -5.29 -26.97 3.76
C GLU I 53 -6.13 -26.36 2.64
N ILE I 54 -6.85 -27.20 1.90
CA ILE I 54 -7.60 -26.73 0.74
C ILE I 54 -8.91 -27.50 0.65
N GLU I 55 -10.02 -26.77 0.50
CA GLU I 55 -11.35 -27.36 0.36
C GLU I 55 -11.65 -28.32 1.51
N GLY I 56 -11.21 -27.93 2.72
CA GLY I 56 -11.41 -28.71 3.93
C GLY I 56 -10.46 -29.87 4.12
N HIS I 57 -9.60 -30.16 3.15
CA HIS I 57 -8.64 -31.25 3.26
C HIS I 57 -7.33 -30.74 3.82
N LYS I 58 -6.79 -31.44 4.81
CA LYS I 58 -5.50 -31.15 5.40
C LYS I 58 -4.49 -32.18 4.94
N TYR I 59 -3.32 -31.72 4.49
CA TYR I 59 -2.33 -32.57 3.88
C TYR I 59 -1.09 -32.71 4.75
N LEU I 60 -0.55 -33.93 4.81
CA LEU I 60 0.75 -34.20 5.41
C LEU I 60 1.67 -34.72 4.32
N ALA I 61 2.93 -34.30 4.34
CA ALA I 61 3.83 -34.74 3.29
C ALA I 61 4.95 -35.60 3.88
N PRO I 62 5.34 -36.68 3.19
CA PRO I 62 6.37 -37.57 3.75
C PRO I 62 7.76 -36.97 3.64
N LEU I 63 8.57 -37.22 4.67
CA LEU I 63 10.00 -36.92 4.63
C LEU I 63 10.73 -38.13 4.06
N THR I 64 11.86 -37.87 3.43
CA THR I 64 12.63 -38.99 2.88
C THR I 64 14.12 -38.70 2.95
N SER I 65 14.88 -39.76 3.25
CA SER I 65 16.32 -39.68 3.42
C SER I 65 17.02 -39.53 2.08
N PRO I 66 18.29 -39.12 2.06
CA PRO I 66 18.96 -38.86 0.79
C PRO I 66 18.96 -40.09 -0.11
N LYS I 67 18.76 -39.85 -1.40
CA LYS I 67 18.93 -40.84 -2.44
C LYS I 67 19.82 -40.25 -3.51
N ALA I 68 20.51 -41.10 -4.27
CA ALA I 68 21.43 -40.60 -5.27
C ALA I 68 20.72 -39.67 -6.26
N TRP I 69 19.52 -40.06 -6.70
CA TRP I 69 18.81 -39.27 -7.69
C TRP I 69 18.42 -37.89 -7.15
N HIS I 70 18.45 -37.69 -5.83
CA HIS I 70 18.20 -36.35 -5.28
C HIS I 70 19.16 -35.31 -5.84
N ALA I 71 20.35 -35.73 -6.31
CA ALA I 71 21.27 -34.76 -6.87
C ALA I 71 20.71 -34.08 -8.11
N ASN I 72 19.79 -34.74 -8.82
CA ASN I 72 19.21 -34.21 -10.04
C ASN I 72 17.92 -33.42 -9.83
N VAL I 73 17.54 -33.15 -8.58
CA VAL I 73 16.31 -32.43 -8.29
C VAL I 73 16.54 -30.94 -8.46
N LYS I 74 15.68 -30.28 -9.24
CA LYS I 74 15.74 -28.83 -9.42
C LYS I 74 14.91 -28.14 -8.34
N GLU I 75 15.41 -26.99 -7.88
CA GLU I 75 14.70 -26.24 -6.83
C GLU I 75 13.32 -25.81 -7.30
N SER I 76 13.16 -25.57 -8.60
CA SER I 76 11.90 -25.07 -9.15
C SER I 76 10.78 -26.11 -9.14
N SER I 77 11.09 -27.37 -8.91
CA SER I 77 10.06 -28.40 -8.95
C SER I 77 9.20 -28.36 -7.69
N PRO I 78 7.89 -28.18 -7.80
CA PRO I 78 7.02 -28.22 -6.60
C PRO I 78 6.81 -29.63 -6.06
N ALA I 79 7.32 -30.65 -6.73
CA ALA I 79 7.20 -32.02 -6.24
C ALA I 79 8.08 -32.27 -5.02
N PHE I 80 9.08 -31.42 -4.77
CA PHE I 80 10.04 -31.65 -3.70
C PHE I 80 10.35 -30.34 -2.98
N PHE I 81 10.75 -30.48 -1.72
CA PHE I 81 11.41 -29.39 -0.99
C PHE I 81 12.67 -29.96 -0.35
N LYS I 82 13.82 -29.66 -0.95
CA LYS I 82 15.09 -30.15 -0.44
C LYS I 82 15.39 -29.53 0.92
N LEU I 83 15.94 -30.34 1.82
CA LEU I 83 16.25 -29.91 3.18
C LEU I 83 17.75 -29.89 3.40
N HIS I 84 18.21 -28.90 4.17
CA HIS I 84 19.59 -28.86 4.63
C HIS I 84 19.66 -28.00 5.88
N GLU I 85 20.75 -28.14 6.62
CA GLU I 85 20.93 -27.36 7.83
C GLU I 85 21.00 -25.87 7.50
N ASN I 86 20.35 -25.05 8.33
CA ASN I 86 20.40 -23.60 8.20
C ASN I 86 21.83 -23.10 8.12
N GLY I 87 22.17 -22.42 7.03
CA GLY I 87 23.49 -21.85 6.86
C GLY I 87 24.59 -22.84 6.56
N VAL I 88 24.27 -24.14 6.46
CA VAL I 88 25.25 -25.16 6.13
C VAL I 88 24.69 -25.99 4.98
N PRO I 89 24.72 -25.46 3.74
CA PRO I 89 24.08 -26.16 2.63
C PRO I 89 24.65 -27.54 2.35
N ASP I 90 25.91 -27.80 2.71
CA ASP I 90 26.50 -29.12 2.47
C ASP I 90 25.89 -30.19 3.38
N ASN I 91 25.21 -29.80 4.45
CA ASN I 91 24.60 -30.76 5.36
C ASN I 91 23.18 -31.04 4.86
N GLN I 92 23.11 -31.87 3.83
CA GLN I 92 21.82 -32.22 3.23
C GLN I 92 21.02 -33.07 4.20
N LEU I 93 19.74 -32.76 4.33
CA LEU I 93 18.86 -33.42 5.29
C LEU I 93 17.70 -34.13 4.59
N GLY I 94 17.97 -34.72 3.43
CA GLY I 94 16.90 -35.38 2.71
C GLY I 94 15.97 -34.35 2.09
N LEU I 95 14.71 -34.74 1.87
CA LEU I 95 13.77 -33.79 1.30
C LEU I 95 12.34 -34.13 1.72
N ILE I 96 11.47 -33.14 1.55
CA ILE I 96 10.03 -33.34 1.67
C ILE I 96 9.51 -33.77 0.31
N ASN I 97 8.95 -34.98 0.24
CA ASN I 97 8.43 -35.54 -1.00
C ASN I 97 6.97 -35.10 -1.14
N LEU I 98 6.79 -33.85 -1.55
CA LEU I 98 5.43 -33.29 -1.64
C LEU I 98 4.58 -34.05 -2.65
N LYS I 99 5.20 -34.65 -3.67
CA LYS I 99 4.42 -35.36 -4.69
C LYS I 99 3.65 -36.53 -4.10
N PHE I 100 4.02 -37.00 -2.91
CA PHE I 100 3.32 -38.10 -2.26
C PHE I 100 2.64 -37.65 -0.96
N MET I 101 2.31 -36.37 -0.86
CA MET I 101 1.51 -35.94 0.27
C MET I 101 0.10 -36.51 0.16
N ILE I 102 -0.57 -36.62 1.32
CA ILE I 102 -1.89 -37.23 1.38
C ILE I 102 -2.78 -36.45 2.28
N PRO I 103 -4.08 -36.42 2.02
CA PRO I 103 -5.03 -35.83 2.95
C PRO I 103 -5.25 -36.76 4.14
N ILE I 104 -5.51 -36.17 5.31
CA ILE I 104 -5.52 -36.95 6.53
C ILE I 104 -6.83 -36.80 7.28
N ILE I 105 -7.17 -37.81 8.05
CA ILE I 105 -8.21 -37.76 9.06
C ILE I 105 -7.52 -37.55 10.40
N GLU I 106 -8.01 -36.55 11.15
CA GLU I 106 -7.33 -36.13 12.37
C GLU I 106 -7.05 -37.29 13.32
N ALA I 107 -8.03 -38.19 13.47
CA ALA I 107 -7.90 -39.28 14.43
C ALA I 107 -6.83 -40.29 14.03
N GLU I 108 -6.42 -40.31 12.76
CA GLU I 108 -5.49 -41.32 12.25
C GLU I 108 -4.05 -40.82 12.19
N VAL I 109 -3.78 -39.63 12.70
CA VAL I 109 -2.42 -39.10 12.74
C VAL I 109 -2.07 -38.74 14.18
N SER I 110 -0.77 -38.76 14.48
CA SER I 110 -0.31 -38.41 15.81
C SER I 110 0.95 -37.58 15.72
N LEU I 111 1.01 -36.48 16.47
CA LEU I 111 2.24 -35.72 16.59
C LEU I 111 3.33 -36.59 17.19
N LEU I 112 4.56 -36.43 16.69
CA LEU I 112 5.69 -37.01 17.38
C LEU I 112 5.83 -36.35 18.74
N ASP I 113 6.15 -37.15 19.75
CA ASP I 113 6.32 -36.66 21.12
C ASP I 113 7.79 -36.26 21.30
N LEU I 114 8.15 -35.17 20.63
CA LEU I 114 9.53 -34.71 20.62
C LEU I 114 10.02 -34.43 22.04
N ASP I 115 9.20 -33.77 22.86
CA ASP I 115 9.64 -33.35 24.18
C ASP I 115 9.83 -34.53 25.12
N SER I 116 9.43 -35.74 24.73
CA SER I 116 9.67 -36.94 25.52
C SER I 116 10.57 -37.96 24.82
N MET I 117 10.79 -37.84 23.52
CA MET I 117 11.66 -38.79 22.83
C MET I 117 13.08 -38.70 23.39
N PRO I 118 13.78 -39.82 23.51
CA PRO I 118 15.15 -39.79 24.05
C PRO I 118 16.12 -39.11 23.09
N ASP I 119 17.20 -38.58 23.67
CA ASP I 119 18.21 -37.91 22.87
C ASP I 119 18.93 -38.95 22.02
N THR I 120 18.82 -38.81 20.70
CA THR I 120 19.41 -39.71 19.74
C THR I 120 19.91 -38.87 18.58
N PRO I 121 20.81 -39.43 17.76
CA PRO I 121 21.17 -38.71 16.52
C PRO I 121 19.95 -38.38 15.68
N TYR I 122 18.98 -39.28 15.61
CA TYR I 122 17.78 -39.03 14.82
C TYR I 122 17.01 -37.81 15.33
N LYS I 123 16.89 -37.65 16.65
CA LYS I 123 16.16 -36.51 17.19
C LYS I 123 16.89 -35.20 16.91
N ARG I 124 18.22 -35.22 17.03
CA ARG I 124 19.00 -34.04 16.68
C ARG I 124 18.81 -33.66 15.22
N MET I 125 18.79 -34.66 14.33
CA MET I 125 18.49 -34.40 12.92
C MET I 125 17.09 -33.82 12.76
N LEU I 126 16.12 -34.37 13.48
CA LEU I 126 14.75 -33.85 13.43
C LEU I 126 14.74 -32.37 13.76
N TYR I 127 15.50 -31.96 14.77
CA TYR I 127 15.50 -30.53 15.13
C TYR I 127 16.21 -29.68 14.08
N LYS I 128 17.29 -30.19 13.50
CA LYS I 128 17.95 -29.45 12.43
C LYS I 128 17.02 -29.28 11.23
N GLN I 129 16.24 -30.32 10.91
CA GLN I 129 15.23 -30.22 9.85
C GLN I 129 14.11 -29.26 10.22
N LEU I 130 13.66 -29.31 11.47
CA LEU I 130 12.54 -28.48 11.89
C LEU I 130 12.86 -27.01 11.76
N GLN I 131 14.08 -26.61 12.13
CA GLN I 131 14.43 -25.20 12.00
C GLN I 131 14.33 -24.74 10.54
N PHE I 132 14.91 -25.52 9.63
CA PHE I 132 14.89 -25.17 8.21
C PHE I 132 13.48 -25.14 7.66
N ILE I 133 12.65 -26.10 8.09
CA ILE I 133 11.27 -26.16 7.60
C ILE I 133 10.48 -24.96 8.11
N ARG I 134 10.63 -24.66 9.40
CA ARG I 134 9.96 -23.50 9.98
C ARG I 134 10.31 -22.23 9.22
N VAL I 135 11.59 -22.05 8.89
CA VAL I 135 11.98 -20.82 8.20
C VAL I 135 11.35 -20.77 6.81
N ASN I 136 11.08 -21.94 6.21
CA ASN I 136 10.58 -22.01 4.85
C ASN I 136 9.12 -22.46 4.76
N GLU I 137 8.36 -22.31 5.85
CA GLU I 137 6.99 -22.83 5.92
C GLU I 137 6.14 -22.32 4.77
N ASP I 138 6.20 -21.01 4.50
CA ASP I 138 5.37 -20.44 3.45
C ASP I 138 5.78 -20.96 2.08
N LYS I 139 7.09 -21.06 1.82
CA LYS I 139 7.55 -21.63 0.56
C LYS I 139 7.03 -23.05 0.40
N ILE I 140 7.05 -23.83 1.48
CA ILE I 140 6.58 -25.21 1.41
C ILE I 140 5.09 -25.27 1.10
N SER I 141 4.29 -24.41 1.76
CA SER I 141 2.86 -24.38 1.48
C SER I 141 2.57 -23.93 0.05
N GLU I 142 3.33 -22.95 -0.43
CA GLU I 142 3.16 -22.47 -1.79
C GLU I 142 3.48 -23.58 -2.79
N LYS I 143 4.57 -24.32 -2.54
CA LYS I 143 4.90 -25.45 -3.39
C LYS I 143 3.84 -26.53 -3.33
N SER I 144 3.27 -26.77 -2.13
CA SER I 144 2.26 -27.80 -1.99
C SER I 144 1.02 -27.45 -2.81
N LYS I 145 0.54 -26.21 -2.67
CA LYS I 145 -0.62 -25.79 -3.44
C LYS I 145 -0.34 -25.87 -4.94
N LEU I 146 0.83 -25.39 -5.37
CA LEU I 146 1.17 -25.44 -6.78
C LEU I 146 1.24 -26.88 -7.29
N LEU I 147 1.84 -27.77 -6.50
CA LEU I 147 1.97 -29.16 -6.90
C LEU I 147 0.61 -29.81 -7.05
N ARG I 148 -0.27 -29.61 -6.07
CA ARG I 148 -1.61 -30.16 -6.18
C ARG I 148 -2.33 -29.62 -7.41
N ASN I 149 -2.23 -28.31 -7.65
CA ASN I 149 -2.91 -27.72 -8.79
C ASN I 149 -2.39 -28.30 -10.11
N LEU I 150 -1.07 -28.35 -10.27
CA LEU I 150 -0.51 -28.86 -11.51
C LEU I 150 -0.77 -30.35 -11.69
N ALA I 151 -0.70 -31.12 -10.60
CA ALA I 151 -0.96 -32.55 -10.68
C ALA I 151 -2.39 -32.83 -11.11
N LEU I 152 -3.36 -32.08 -10.56
CA LEU I 152 -4.75 -32.29 -10.94
C LEU I 152 -4.98 -32.04 -12.42
N GLN I 153 -4.22 -31.12 -13.02
CA GLN I 153 -4.33 -30.83 -14.44
C GLN I 153 -3.52 -31.80 -15.31
N GLY I 154 -2.90 -32.81 -14.71
CA GLY I 154 -2.06 -33.72 -15.46
C GLY I 154 -0.76 -33.12 -15.93
N ARG I 155 -0.26 -32.08 -15.24
CA ARG I 155 0.96 -31.39 -15.62
C ARG I 155 2.17 -31.76 -14.75
N MET I 156 2.00 -32.63 -13.76
CA MET I 156 3.09 -33.13 -12.93
C MET I 156 3.34 -34.60 -13.23
N GLN I 157 4.48 -35.10 -12.77
CA GLN I 157 4.90 -36.47 -13.09
C GLN I 157 4.75 -37.38 -11.87
N GLY I 158 3.97 -38.44 -12.04
CA GLY I 158 3.93 -39.54 -11.07
C GLY I 158 3.66 -39.18 -9.62
N THR I 159 2.75 -38.24 -9.38
CA THR I 159 2.41 -37.89 -8.01
C THR I 159 1.29 -38.80 -7.50
N CYS I 160 0.81 -38.51 -6.30
CA CYS I 160 -0.35 -39.21 -5.76
C CYS I 160 -1.61 -38.73 -6.49
N ASP I 161 -2.66 -39.53 -6.36
CA ASP I 161 -3.90 -39.28 -7.08
C ASP I 161 -4.79 -38.45 -6.16
N PHE I 162 -4.51 -37.14 -6.15
CA PHE I 162 -5.13 -36.26 -5.17
C PHE I 162 -6.64 -36.19 -5.30
N ALA I 163 -7.16 -36.26 -6.53
CA ALA I 163 -8.60 -36.24 -6.73
C ALA I 163 -9.27 -37.46 -6.09
N VAL I 164 -8.74 -38.65 -6.38
CA VAL I 164 -9.32 -39.86 -5.82
C VAL I 164 -9.12 -39.90 -4.31
N LEU I 165 -7.93 -39.50 -3.84
CA LEU I 165 -7.68 -39.48 -2.41
C LEU I 165 -8.66 -38.56 -1.70
N GLU I 166 -8.90 -37.37 -2.26
CA GLU I 166 -9.85 -36.44 -1.65
C GLU I 166 -11.28 -36.94 -1.76
N GLU I 167 -11.58 -37.73 -2.79
CA GLU I 167 -12.92 -38.30 -2.90
C GLU I 167 -13.15 -39.42 -1.87
N LYS I 168 -12.11 -40.18 -1.55
CA LYS I 168 -12.28 -41.42 -0.78
C LYS I 168 -11.85 -41.36 0.68
N TYR I 169 -10.94 -40.45 1.05
CA TYR I 169 -10.29 -40.54 2.36
C TYR I 169 -11.27 -40.43 3.52
N GLN I 170 -12.31 -39.61 3.37
CA GLN I 170 -13.23 -39.39 4.49
C GLN I 170 -14.11 -40.57 4.83
N HIS I 171 -14.18 -41.58 3.95
CA HIS I 171 -14.98 -42.78 4.20
C HIS I 171 -14.21 -43.87 4.94
N PHE I 172 -13.03 -43.56 5.48
CA PHE I 172 -12.27 -44.54 6.25
C PHE I 172 -13.06 -44.95 7.49
N GLY I 173 -13.18 -46.26 7.71
CA GLY I 173 -13.91 -46.71 8.89
C GLY I 173 -15.41 -46.59 8.80
N LYS I 174 -15.94 -46.15 7.65
CA LYS I 174 -17.39 -46.04 7.47
C LYS I 174 -18.03 -46.93 6.38
N MET K 12 11.25 -1.95 -25.93
CA MET K 12 12.23 -1.69 -24.89
C MET K 12 13.45 -2.61 -25.03
N ALA K 13 14.66 -2.02 -24.93
CA ALA K 13 15.92 -2.76 -25.00
C ALA K 13 16.03 -3.61 -26.26
N LYS K 14 16.01 -2.92 -27.40
CA LYS K 14 16.23 -3.53 -28.71
C LYS K 14 17.25 -2.69 -29.46
N PHE K 15 18.05 -3.36 -30.29
CA PHE K 15 19.04 -2.70 -31.12
C PHE K 15 18.40 -2.27 -32.44
N PHE K 16 18.70 -1.05 -32.85
CA PHE K 16 18.16 -0.44 -34.06
C PHE K 16 19.28 0.17 -34.88
N THR K 17 19.03 0.26 -36.19
CA THR K 17 19.76 1.10 -37.12
C THR K 17 18.84 2.21 -37.60
N ILE K 18 19.45 3.32 -38.04
CA ILE K 18 18.73 4.52 -38.45
C ILE K 18 19.23 4.95 -39.83
N SER K 19 18.30 5.31 -40.72
CA SER K 19 18.66 5.69 -42.08
C SER K 19 19.60 6.89 -42.11
N SER K 20 20.57 6.84 -43.02
CA SER K 20 21.52 7.95 -43.13
C SER K 20 20.83 9.24 -43.56
N SER K 21 19.78 9.14 -44.37
CA SER K 21 19.10 10.34 -44.83
C SER K 21 18.37 11.04 -43.68
N TYR K 22 17.72 10.26 -42.81
CA TYR K 22 17.11 10.85 -41.63
C TYR K 22 18.15 11.44 -40.69
N ILE K 23 19.27 10.74 -40.49
CA ILE K 23 20.33 11.24 -39.62
C ILE K 23 20.82 12.60 -40.13
N LYS K 24 21.09 12.70 -41.43
CA LYS K 24 21.61 13.97 -41.95
C LYS K 24 20.53 15.05 -41.99
N TYR K 25 19.26 14.67 -42.15
CA TYR K 25 18.18 15.64 -41.99
C TYR K 25 18.23 16.26 -40.60
N LEU K 26 18.35 15.42 -39.56
CA LEU K 26 18.42 15.94 -38.20
C LEU K 26 19.69 16.76 -37.99
N LYS K 27 20.80 16.33 -38.59
CA LYS K 27 22.06 17.04 -38.45
C LYS K 27 21.95 18.45 -38.99
N ASP K 28 21.05 18.66 -39.95
CA ASP K 28 20.91 19.98 -40.55
C ASP K 28 20.50 21.01 -39.50
N PHE K 29 19.80 20.56 -38.45
CA PHE K 29 19.31 21.39 -37.35
C PHE K 29 20.16 21.31 -36.09
N ASP K 30 20.97 20.27 -35.94
CA ASP K 30 21.73 20.07 -34.70
C ASP K 30 22.97 19.24 -35.03
N ASP K 31 24.15 19.86 -34.98
CA ASP K 31 25.38 19.20 -35.35
C ASP K 31 25.83 18.14 -34.33
N LYS K 32 25.12 18.00 -33.21
CA LYS K 32 25.46 16.98 -32.23
C LYS K 32 24.77 15.64 -32.48
N VAL K 33 23.86 15.57 -33.44
CA VAL K 33 23.25 14.30 -33.87
C VAL K 33 24.36 13.32 -34.22
N PRO K 34 24.31 12.08 -33.72
CA PRO K 34 25.46 11.18 -33.88
C PRO K 34 25.80 10.90 -35.34
N ASN K 35 27.10 10.86 -35.63
CA ASN K 35 27.54 10.38 -36.92
C ASN K 35 27.10 8.92 -37.07
N SER K 36 26.47 8.60 -38.20
CA SER K 36 26.00 7.26 -38.45
C SER K 36 26.77 6.52 -39.53
N GLU K 37 27.50 7.24 -40.37
CA GLU K 37 28.28 6.64 -41.44
C GLU K 37 29.70 7.19 -41.39
N ASP K 38 30.66 6.32 -41.63
CA ASP K 38 32.08 6.62 -41.57
C ASP K 38 32.82 5.44 -42.18
N PRO K 39 33.74 5.68 -43.13
CA PRO K 39 34.48 4.56 -43.73
C PRO K 39 35.27 3.72 -42.74
N THR K 40 35.65 4.27 -41.59
CA THR K 40 36.36 3.50 -40.57
C THR K 40 35.44 2.55 -39.79
N TYR K 41 34.11 2.75 -39.88
CA TYR K 41 33.18 1.92 -39.14
C TYR K 41 33.15 0.50 -39.72
N ASN K 42 33.33 -0.49 -38.84
CA ASN K 42 33.22 -1.88 -39.26
C ASN K 42 31.77 -2.31 -39.40
N ASN K 43 30.91 -1.83 -38.52
CA ASN K 43 29.48 -2.10 -38.53
C ASN K 43 28.72 -0.78 -38.51
N PRO K 44 27.43 -0.81 -38.85
CA PRO K 44 26.63 0.42 -38.72
C PRO K 44 26.56 0.88 -37.28
N LYS K 45 26.29 2.18 -37.12
CA LYS K 45 26.08 2.75 -35.79
C LYS K 45 24.83 2.17 -35.17
N ALA K 46 24.99 1.46 -34.05
CA ALA K 46 23.86 0.84 -33.37
C ALA K 46 23.24 1.80 -32.36
N PHE K 47 21.92 1.79 -32.29
CA PHE K 47 21.15 2.54 -31.32
C PHE K 47 20.37 1.56 -30.46
N ILE K 48 20.06 1.96 -29.24
CA ILE K 48 19.24 1.17 -28.33
C ILE K 48 17.93 1.92 -28.11
N GLY K 49 16.83 1.17 -28.03
CA GLY K 49 15.55 1.81 -27.84
C GLY K 49 14.46 0.82 -27.53
N ILE K 50 13.26 1.35 -27.26
CA ILE K 50 13.03 2.79 -27.15
C ILE K 50 13.34 3.21 -25.72
N VAL K 51 14.28 4.15 -25.55
CA VAL K 51 14.72 4.52 -24.20
C VAL K 51 13.76 5.48 -23.53
N LEU K 52 13.01 6.26 -24.30
CA LEU K 52 12.11 7.26 -23.74
C LEU K 52 10.98 7.53 -24.71
N GLU K 53 9.76 7.58 -24.20
CA GLU K 53 8.60 7.97 -24.99
C GLU K 53 7.89 9.09 -24.25
N ILE K 54 7.93 10.30 -24.80
CA ILE K 54 7.41 11.46 -24.09
C ILE K 54 6.78 12.43 -25.10
N GLU K 55 5.55 12.85 -24.82
CA GLU K 55 4.85 13.82 -25.65
C GLU K 55 4.78 13.36 -27.11
N GLY K 56 4.56 12.07 -27.30
CA GLY K 56 4.47 11.46 -28.60
C GLY K 56 5.78 11.20 -29.30
N HIS K 57 6.91 11.60 -28.71
CA HIS K 57 8.22 11.40 -29.31
C HIS K 57 8.84 10.11 -28.78
N LYS K 58 9.37 9.30 -29.68
CA LYS K 58 10.09 8.08 -29.33
C LYS K 58 11.58 8.31 -29.54
N TYR K 59 12.39 7.96 -28.55
CA TYR K 59 13.81 8.25 -28.56
C TYR K 59 14.64 6.98 -28.69
N LEU K 60 15.67 7.06 -29.53
CA LEU K 60 16.72 6.06 -29.61
C LEU K 60 18.03 6.72 -29.24
N ALA K 61 18.87 6.00 -28.51
CA ALA K 61 20.15 6.51 -28.06
C ALA K 61 21.30 5.74 -28.68
N PRO K 62 22.36 6.42 -29.10
CA PRO K 62 23.49 5.74 -29.73
C PRO K 62 24.35 4.98 -28.74
N LEU K 63 24.87 3.85 -29.19
CA LEU K 63 25.91 3.15 -28.46
C LEU K 63 27.26 3.68 -28.90
N THR K 64 28.24 3.61 -28.00
CA THR K 64 29.58 4.05 -28.36
C THR K 64 30.62 3.16 -27.68
N SER K 65 31.69 2.90 -28.42
CA SER K 65 32.78 2.03 -27.97
C SER K 65 33.63 2.75 -26.92
N PRO K 66 34.42 2.00 -26.14
CA PRO K 66 35.19 2.61 -25.06
C PRO K 66 36.10 3.73 -25.54
N LYS K 67 36.18 4.79 -24.76
CA LYS K 67 37.18 5.83 -24.92
C LYS K 67 37.80 6.10 -23.56
N ALA K 68 39.03 6.61 -23.57
CA ALA K 68 39.76 6.82 -22.32
C ALA K 68 38.97 7.71 -21.37
N TRP K 69 38.36 8.78 -21.90
CA TRP K 69 37.65 9.72 -21.06
C TRP K 69 36.43 9.10 -20.37
N HIS K 70 35.99 7.94 -20.84
CA HIS K 70 34.93 7.23 -20.14
C HIS K 70 35.28 6.96 -18.68
N ALA K 71 36.58 6.97 -18.35
CA ALA K 71 36.97 6.77 -16.96
C ALA K 71 36.42 7.84 -16.04
N ASN K 72 36.13 9.03 -16.56
CA ASN K 72 35.63 10.14 -15.75
C ASN K 72 34.11 10.14 -15.65
N VAL K 73 33.44 9.11 -16.17
CA VAL K 73 31.98 9.08 -16.16
C VAL K 73 31.51 8.63 -14.79
N LYS K 74 30.69 9.46 -14.15
CA LYS K 74 30.09 9.10 -12.86
C LYS K 74 28.72 8.48 -13.08
N GLU K 75 28.39 7.50 -12.23
CA GLU K 75 27.10 6.80 -12.36
C GLU K 75 25.93 7.75 -12.23
N SER K 76 26.07 8.85 -11.47
CA SER K 76 24.96 9.76 -11.28
C SER K 76 24.63 10.59 -12.52
N SER K 77 25.50 10.61 -13.53
CA SER K 77 25.23 11.43 -14.71
C SER K 77 24.20 10.79 -15.61
N PRO K 78 23.07 11.44 -15.87
CA PRO K 78 22.09 10.89 -16.83
C PRO K 78 22.49 11.07 -18.29
N ALA K 79 23.63 11.71 -18.57
CA ALA K 79 24.09 11.80 -19.96
C ALA K 79 24.58 10.46 -20.49
N PHE K 80 24.92 9.52 -19.61
CA PHE K 80 25.53 8.26 -20.03
C PHE K 80 24.94 7.11 -19.24
N PHE K 81 24.99 5.92 -19.84
CA PHE K 81 24.79 4.67 -19.10
C PHE K 81 25.92 3.72 -19.46
N LYS K 82 26.88 3.56 -18.56
CA LYS K 82 28.02 2.68 -18.81
C LYS K 82 27.56 1.22 -18.91
N LEU K 83 28.17 0.49 -19.84
CA LEU K 83 27.83 -0.90 -20.10
C LEU K 83 28.98 -1.81 -19.72
N HIS K 84 28.65 -2.99 -19.19
CA HIS K 84 29.65 -4.03 -18.95
C HIS K 84 28.93 -5.38 -18.85
N GLU K 85 29.70 -6.45 -18.95
CA GLU K 85 29.12 -7.78 -18.87
C GLU K 85 28.50 -7.99 -17.49
N ASN K 86 27.33 -8.65 -17.48
CA ASN K 86 26.67 -9.02 -16.22
C ASN K 86 27.61 -9.80 -15.32
N GLY K 87 27.85 -9.28 -14.12
CA GLY K 87 28.71 -9.93 -13.16
C GLY K 87 30.19 -9.89 -13.45
N VAL K 88 30.62 -9.24 -14.52
CA VAL K 88 32.03 -9.10 -14.86
C VAL K 88 32.31 -7.61 -15.08
N PRO K 89 32.42 -6.82 -14.01
CA PRO K 89 32.54 -5.36 -14.18
C PRO K 89 33.77 -4.92 -14.96
N ASP K 90 34.85 -5.71 -14.94
CA ASP K 90 36.06 -5.34 -15.67
C ASP K 90 35.89 -5.45 -17.19
N ASN K 91 34.87 -6.16 -17.66
CA ASN K 91 34.63 -6.30 -19.10
C ASN K 91 33.72 -5.17 -19.55
N GLN K 92 34.33 -4.00 -19.75
CA GLN K 92 33.60 -2.81 -20.16
C GLN K 92 33.13 -2.93 -21.60
N LEU K 93 31.88 -2.54 -21.84
CA LEU K 93 31.25 -2.66 -23.16
C LEU K 93 30.83 -1.30 -23.71
N GLY K 94 31.64 -0.26 -23.47
CA GLY K 94 31.27 1.05 -23.97
C GLY K 94 30.15 1.65 -23.15
N LEU K 95 29.38 2.54 -23.79
CA LEU K 95 28.28 3.14 -23.04
C LEU K 95 27.15 3.52 -23.99
N ILE K 96 25.97 3.71 -23.40
CA ILE K 96 24.86 4.34 -24.09
C ILE K 96 25.02 5.83 -23.92
N ASN K 97 25.20 6.55 -25.03
CA ASN K 97 25.43 8.00 -24.99
C ASN K 97 24.06 8.68 -25.04
N LEU K 98 23.40 8.69 -23.89
CA LEU K 98 22.05 9.25 -23.82
C LEU K 98 22.03 10.72 -24.20
N LYS K 99 23.12 11.45 -23.93
CA LYS K 99 23.12 12.87 -24.22
C LYS K 99 22.95 13.15 -25.71
N PHE K 100 23.14 12.14 -26.57
CA PHE K 100 22.96 12.29 -28.01
C PHE K 100 21.83 11.42 -28.55
N MET K 101 20.86 11.07 -27.70
CA MET K 101 19.68 10.38 -28.19
C MET K 101 18.86 11.33 -29.07
N ILE K 102 18.05 10.73 -29.95
CA ILE K 102 17.29 11.52 -30.93
C ILE K 102 15.88 10.95 -31.05
N PRO K 103 14.92 11.83 -31.32
CA PRO K 103 13.58 11.34 -31.65
C PRO K 103 13.56 10.79 -33.07
N ILE K 104 12.72 9.78 -33.28
CA ILE K 104 12.77 9.04 -34.52
C ILE K 104 11.40 9.00 -35.19
N ILE K 105 11.43 8.84 -36.51
CA ILE K 105 10.25 8.44 -37.28
C ILE K 105 10.38 6.95 -37.52
N GLU K 106 9.32 6.21 -37.22
CA GLU K 106 9.38 4.74 -37.26
C GLU K 106 9.84 4.24 -38.62
N ALA K 107 9.39 4.89 -39.70
CA ALA K 107 9.75 4.44 -41.03
C ALA K 107 11.25 4.55 -41.29
N GLU K 108 11.95 5.38 -40.53
CA GLU K 108 13.37 5.63 -40.76
C GLU K 108 14.27 4.86 -39.81
N VAL K 109 13.71 3.95 -39.01
CA VAL K 109 14.52 3.09 -38.14
C VAL K 109 14.16 1.65 -38.43
N SER K 110 15.11 0.75 -38.15
CA SER K 110 14.89 -0.66 -38.34
C SER K 110 15.58 -1.47 -37.25
N LEU K 111 14.86 -2.43 -36.70
CA LEU K 111 15.48 -3.36 -35.76
C LEU K 111 16.67 -4.06 -36.43
N LEU K 112 17.73 -4.27 -35.65
CA LEU K 112 18.78 -5.14 -36.12
C LEU K 112 18.21 -6.54 -36.32
N ASP K 113 18.59 -7.19 -37.42
CA ASP K 113 18.08 -8.52 -37.73
C ASP K 113 19.06 -9.54 -37.14
N LEU K 114 19.03 -9.60 -35.80
CA LEU K 114 19.98 -10.42 -35.06
C LEU K 114 19.92 -11.88 -35.46
N ASP K 115 18.72 -12.43 -35.60
CA ASP K 115 18.60 -13.86 -35.84
C ASP K 115 18.94 -14.25 -37.28
N SER K 116 19.10 -13.28 -38.18
CA SER K 116 19.63 -13.57 -39.52
C SER K 116 21.10 -13.21 -39.66
N MET K 117 21.63 -12.38 -38.77
CA MET K 117 23.04 -12.01 -38.85
C MET K 117 23.93 -13.22 -38.59
N PRO K 118 25.02 -13.37 -39.33
CA PRO K 118 25.95 -14.48 -39.06
C PRO K 118 26.66 -14.27 -37.73
N ASP K 119 27.09 -15.39 -37.16
CA ASP K 119 27.75 -15.36 -35.86
C ASP K 119 29.12 -14.69 -35.97
N THR K 120 29.32 -13.63 -35.19
CA THR K 120 30.56 -12.88 -35.17
C THR K 120 30.91 -12.55 -33.74
N PRO K 121 32.17 -12.22 -33.45
CA PRO K 121 32.49 -11.65 -32.14
C PRO K 121 31.67 -10.40 -31.83
N TYR K 122 31.43 -9.57 -32.84
CA TYR K 122 30.58 -8.39 -32.65
C TYR K 122 29.19 -8.78 -32.18
N LYS K 123 28.63 -9.84 -32.77
CA LYS K 123 27.30 -10.29 -32.36
C LYS K 123 27.31 -10.79 -30.92
N ARG K 124 28.38 -11.50 -30.53
CA ARG K 124 28.53 -11.92 -29.14
C ARG K 124 28.53 -10.72 -28.21
N MET K 125 29.29 -9.68 -28.56
CA MET K 125 29.29 -8.47 -27.75
C MET K 125 27.89 -7.87 -27.69
N LEU K 126 27.19 -7.84 -28.83
CA LEU K 126 25.82 -7.34 -28.86
C LEU K 126 24.95 -8.07 -27.85
N TYR K 127 25.09 -9.39 -27.76
CA TYR K 127 24.23 -10.13 -26.83
C TYR K 127 24.60 -9.84 -25.38
N LYS K 128 25.90 -9.71 -25.07
CA LYS K 128 26.28 -9.37 -23.70
C LYS K 128 25.77 -7.98 -23.31
N GLN K 129 25.85 -7.05 -24.25
CA GLN K 129 25.30 -5.72 -24.03
C GLN K 129 23.80 -5.80 -23.83
N LEU K 130 23.13 -6.63 -24.63
CA LEU K 130 21.67 -6.73 -24.54
C LEU K 130 21.25 -7.24 -23.17
N GLN K 131 21.94 -8.25 -22.65
CA GLN K 131 21.58 -8.74 -21.31
C GLN K 131 21.74 -7.64 -20.27
N PHE K 132 22.89 -6.94 -20.29
CA PHE K 132 23.07 -5.88 -19.30
C PHE K 132 22.03 -4.77 -19.44
N ILE K 133 21.69 -4.42 -20.68
CA ILE K 133 20.72 -3.35 -20.92
C ILE K 133 19.34 -3.77 -20.45
N ARG K 134 18.93 -4.99 -20.78
CA ARG K 134 17.63 -5.50 -20.35
C ARG K 134 17.50 -5.47 -18.84
N VAL K 135 18.56 -5.88 -18.13
CA VAL K 135 18.46 -5.91 -16.67
C VAL K 135 18.29 -4.50 -16.11
N ASN K 136 18.81 -3.50 -16.82
CA ASN K 136 18.79 -2.12 -16.36
C ASN K 136 17.83 -1.24 -17.14
N GLU K 137 16.82 -1.85 -17.79
CA GLU K 137 15.94 -1.10 -18.67
C GLU K 137 15.32 0.10 -17.96
N ASP K 138 14.82 -0.12 -16.76
CA ASP K 138 14.13 0.94 -16.02
C ASP K 138 15.08 2.08 -15.65
N LYS K 139 16.29 1.74 -15.17
CA LYS K 139 17.28 2.78 -14.89
C LYS K 139 17.60 3.57 -16.16
N ILE K 140 17.72 2.89 -17.30
CA ILE K 140 18.03 3.59 -18.54
C ILE K 140 16.90 4.56 -18.89
N SER K 141 15.64 4.15 -18.72
CA SER K 141 14.53 5.06 -19.02
C SER K 141 14.48 6.25 -18.06
N GLU K 142 14.69 5.98 -16.76
CA GLU K 142 14.92 7.02 -15.75
C GLU K 142 15.92 8.06 -16.20
N LYS K 143 17.11 7.59 -16.56
CA LYS K 143 18.16 8.51 -16.94
C LYS K 143 17.76 9.27 -18.17
N SER K 144 17.08 8.63 -19.12
CA SER K 144 16.68 9.30 -20.36
C SER K 144 15.71 10.44 -20.07
N LYS K 145 14.68 10.17 -19.26
CA LYS K 145 13.72 11.19 -18.91
C LYS K 145 14.39 12.34 -18.16
N LEU K 146 15.22 12.01 -17.17
CA LEU K 146 15.91 13.03 -16.39
C LEU K 146 16.85 13.85 -17.27
N LEU K 147 17.58 13.19 -18.16
CA LEU K 147 18.53 13.89 -19.01
C LEU K 147 17.83 14.86 -19.93
N ARG K 148 16.74 14.43 -20.58
CA ARG K 148 15.99 15.35 -21.42
C ARG K 148 15.46 16.53 -20.61
N ASN K 149 14.92 16.24 -19.42
CA ASN K 149 14.34 17.31 -18.60
C ASN K 149 15.40 18.34 -18.22
N LEU K 150 16.55 17.89 -17.74
CA LEU K 150 17.59 18.83 -17.34
C LEU K 150 18.19 19.56 -18.54
N ALA K 151 18.35 18.86 -19.67
CA ALA K 151 18.92 19.50 -20.85
C ALA K 151 18.01 20.62 -21.34
N LEU K 152 16.69 20.39 -21.34
CA LEU K 152 15.76 21.42 -21.79
C LEU K 152 15.83 22.66 -20.90
N GLN K 153 16.16 22.49 -19.62
CA GLN K 153 16.34 23.60 -18.71
C GLN K 153 17.72 24.23 -18.80
N GLY K 154 18.56 23.76 -19.73
CA GLY K 154 19.92 24.25 -19.84
C GLY K 154 20.84 23.81 -18.71
N ARG K 155 20.53 22.71 -18.03
CA ARG K 155 21.29 22.24 -16.89
C ARG K 155 22.20 21.06 -17.22
N MET K 156 22.33 20.71 -18.50
CA MET K 156 23.27 19.71 -18.97
C MET K 156 24.24 20.37 -19.95
N GLN K 157 25.36 19.69 -20.22
CA GLN K 157 26.38 20.25 -21.10
C GLN K 157 26.42 19.50 -22.43
N GLY K 158 26.31 20.26 -23.52
CA GLY K 158 26.56 19.74 -24.85
C GLY K 158 25.75 18.53 -25.26
N THR K 159 24.48 18.49 -24.88
CA THR K 159 23.63 17.41 -25.34
C THR K 159 23.04 17.79 -26.69
N CYS K 160 22.20 16.93 -27.25
CA CYS K 160 21.49 17.33 -28.44
C CYS K 160 20.42 18.35 -28.08
N ASP K 161 19.96 19.08 -29.10
CA ASP K 161 19.03 20.18 -28.92
C ASP K 161 17.63 19.57 -29.04
N PHE K 162 17.17 19.01 -27.92
CA PHE K 162 15.94 18.22 -27.95
C PHE K 162 14.73 19.07 -28.36
N ALA K 163 14.70 20.33 -27.93
CA ALA K 163 13.59 21.21 -28.33
C ALA K 163 13.55 21.38 -29.84
N VAL K 164 14.71 21.67 -30.45
CA VAL K 164 14.78 21.86 -31.88
C VAL K 164 14.49 20.57 -32.63
N LEU K 165 15.07 19.45 -32.17
CA LEU K 165 14.83 18.16 -32.83
C LEU K 165 13.36 17.79 -32.77
N GLU K 166 12.72 17.98 -31.62
CA GLU K 166 11.31 17.65 -31.48
C GLU K 166 10.44 18.59 -32.29
N GLU K 167 10.89 19.83 -32.51
CA GLU K 167 10.13 20.72 -33.37
C GLU K 167 10.25 20.34 -34.84
N LYS K 168 11.41 19.81 -35.26
CA LYS K 168 11.70 19.69 -36.69
C LYS K 168 11.60 18.28 -37.26
N TYR K 169 11.77 17.23 -36.45
CA TYR K 169 11.97 15.89 -37.00
C TYR K 169 10.78 15.40 -37.80
N GLN K 170 9.56 15.74 -37.38
CA GLN K 170 8.40 15.23 -38.09
C GLN K 170 8.21 15.86 -39.46
N HIS K 171 8.98 16.90 -39.79
CA HIS K 171 8.92 17.48 -41.12
C HIS K 171 9.82 16.77 -42.11
N PHE K 172 10.39 15.62 -41.73
CA PHE K 172 11.24 14.87 -42.63
C PHE K 172 10.42 14.34 -43.80
N GLY K 173 10.93 14.54 -45.03
CA GLY K 173 10.27 14.01 -46.20
C GLY K 173 9.05 14.77 -46.66
N LYS K 174 8.70 15.89 -46.02
CA LYS K 174 7.49 16.63 -46.38
C LYS K 174 7.81 17.97 -47.01
#